data_4J7G
#
_entry.id   4J7G
#
_cell.length_a   105.829
_cell.length_b   108.218
_cell.length_c   110.211
_cell.angle_alpha   90.00
_cell.angle_beta   90.00
_cell.angle_gamma   90.00
#
_symmetry.space_group_name_H-M   'P 21 21 2'
#
loop_
_entity.id
_entity.type
_entity.pdbx_description
1 polymer 'EvaA 2,3-dehydratase'
2 non-polymer "2'-DEOXY-THYMIDINE-BETA-L-RHAMNOSE"
3 non-polymer '[[(2R,3S,5R)-5-[5-methyl-2,4-bis(oxidanylidene)pyrimidin-1-yl]-3-oxidanyl-oxolan-2-yl]methoxy-oxidanyl-phosphoryl] [(2R,3R,4S,5R,6R)-6-methyl-3,4,5-tris(oxidanyl)oxan-2-yl] hydrogen phosphate'
4 water water
#
_entity_poly.entity_id   1
_entity_poly.type   'polypeptide(L)'
_entity_poly.pdbx_seq_one_letter_code
;MSSFVVPSLTAVRPRDHHDYADRIALSAATTDGVQMRTEDVRAWIAERRDANVFHVERIPFADLDQWWFEGVTGNLVHRS
GRFFTIEGLHVIEHDGPHGDGPYREWQQPVIRQPEVGILGILAKEFDGVLHFLMQAKMEPGNPNLVQLSPTVQATRSNYT
KAHGGTNVKLIEYFAPPDPERVIVDVLQAEQGSWFFRKSNRNMIVETVDDVPLWDDFCWLTLGQIAELMHEDETINMNSR
SVLSCLPYQDITPRALFSDVQLLSWFTNERSRHDVRVRRIPLADVCGWKQGAEEIEHEDGRYFKVLAVAVKGSNREKISW
TQPLVESVDLGVVAFLVRKIDGVPHVLVQARVDGGFLDTVELAPTVQCTPLNYAHLPAEEAPPFLDLVQNAPRSRIRYEA
IHSEEGGRFLGVRARYLVIDADEAIDPPPGYAWVTPAQLTALTRHGHYVNVEARTLLACINAAAAQPRGGA
;
_entity_poly.pdbx_strand_id   A,B
#
loop_
_chem_comp.id
_chem_comp.type
_chem_comp.name
_chem_comp.formula
1JB saccharide '[[(2R,3S,5R)-5-[5-methyl-2,4-bis(oxidanylidene)pyrimidin-1-yl]-3-oxidanyl-oxolan-2-yl]methoxy-oxidanyl-phosphoryl] [(2R,3R,4S,5R,6R)-6-methyl-3,4,5-tris(oxidanyl)oxan-2-yl] hydrogen phosphate' 'C16 H26 N2 O15 P2'
TRH non-polymer 2'-DEOXY-THYMIDINE-BETA-L-RHAMNOSE 'C16 H26 N2 O15 P2'
#
# COMPACT_ATOMS: atom_id res chain seq x y z
N ALA A 11 34.91 13.35 48.27
CA ALA A 11 34.27 14.50 47.56
C ALA A 11 32.81 14.15 47.19
N VAL A 12 31.84 14.74 47.89
CA VAL A 12 30.45 14.50 47.49
C VAL A 12 30.12 15.50 46.39
N ARG A 13 29.01 15.33 45.68
CA ARG A 13 28.51 16.30 44.69
C ARG A 13 27.00 16.37 44.86
N PRO A 14 26.32 17.37 44.25
CA PRO A 14 24.87 17.42 44.29
C PRO A 14 24.29 16.15 43.65
N ARG A 15 23.14 15.77 44.17
CA ARG A 15 22.55 14.49 43.73
C ARG A 15 22.12 14.62 42.28
N ASP A 16 21.88 15.86 41.84
CA ASP A 16 21.53 16.07 40.42
C ASP A 16 22.68 16.65 39.60
N HIS A 17 23.92 16.37 40.02
CA HIS A 17 25.07 16.92 39.36
C HIS A 17 25.18 16.53 37.88
N HIS A 18 25.66 17.46 37.07
CA HIS A 18 25.94 17.18 35.66
C HIS A 18 24.69 16.79 34.88
N ASP A 19 23.70 17.66 35.00
CA ASP A 19 22.44 17.48 34.25
C ASP A 19 22.76 17.76 32.77
N TYR A 20 22.37 16.85 31.89
CA TYR A 20 22.67 17.09 30.47
C TYR A 20 21.48 17.68 29.73
N ALA A 21 20.41 18.08 30.42
CA ALA A 21 19.17 18.47 29.72
C ALA A 21 19.42 19.64 28.79
N ASP A 22 20.15 20.69 29.17
CA ASP A 22 20.37 21.77 28.22
C ASP A 22 21.17 21.40 26.97
N ARG A 23 22.13 20.49 27.12
CA ARG A 23 23.02 20.05 26.04
CA ARG A 23 22.96 20.17 25.97
C ARG A 23 22.17 19.18 25.12
N ILE A 24 21.34 18.33 25.74
CA ILE A 24 20.46 17.44 24.94
C ILE A 24 19.51 18.31 24.11
N ALA A 25 18.92 19.30 24.77
CA ALA A 25 18.03 20.20 24.03
C ALA A 25 18.69 20.91 22.85
N LEU A 26 19.91 21.42 23.03
CA LEU A 26 20.62 22.11 21.96
C LEU A 26 20.93 21.15 20.81
N SER A 27 21.32 19.93 21.17
CA SER A 27 21.56 18.97 20.10
C SER A 27 20.28 18.64 19.33
N ALA A 28 19.15 18.51 20.02
CA ALA A 28 17.90 18.16 19.35
C ALA A 28 17.42 19.31 18.44
N ALA A 29 17.77 20.55 18.80
CA ALA A 29 17.39 21.71 18.00
C ALA A 29 18.26 21.93 16.76
N THR A 30 19.37 21.21 16.58
CA THR A 30 20.41 21.50 15.59
C THR A 30 20.34 20.40 14.50
N THR A 31 20.18 20.76 13.23
CA THR A 31 20.24 19.67 12.25
C THR A 31 21.48 19.78 11.39
N ASP A 32 22.29 20.79 11.67
CA ASP A 32 23.58 20.97 11.02
C ASP A 32 24.71 20.20 11.70
N GLY A 33 25.00 19.00 11.23
CA GLY A 33 25.98 18.17 11.92
C GLY A 33 27.36 18.27 11.28
N VAL A 34 28.37 17.92 12.06
CA VAL A 34 29.79 17.98 11.69
C VAL A 34 30.13 17.04 10.54
N GLN A 35 29.45 15.91 10.42
CA GLN A 35 29.98 14.88 9.53
C GLN A 35 29.25 14.80 8.20
N MET A 36 27.93 14.94 8.25
CA MET A 36 27.16 14.58 7.08
C MET A 36 25.87 15.40 7.10
N ARG A 37 25.38 15.80 5.92
CA ARG A 37 24.05 16.38 5.85
C ARG A 37 23.02 15.27 6.03
N THR A 38 21.93 15.58 6.72
CA THR A 38 20.95 14.52 6.98
C THR A 38 20.42 13.89 5.69
N GLU A 39 20.23 14.72 4.66
CA GLU A 39 19.66 14.19 3.43
C GLU A 39 20.60 13.22 2.71
N ASP A 40 21.87 13.22 3.09
CA ASP A 40 22.86 12.33 2.50
C ASP A 40 23.00 11.00 3.24
N VAL A 41 22.36 10.83 4.40
CA VAL A 41 22.58 9.58 5.14
C VAL A 41 22.00 8.39 4.35
N ARG A 42 20.89 8.56 3.62
CA ARG A 42 20.26 7.39 2.98
C ARG A 42 21.30 6.82 2.01
N ALA A 43 21.95 7.72 1.27
CA ALA A 43 22.99 7.32 0.33
C ALA A 43 24.20 6.61 0.92
N TRP A 44 24.57 7.09 2.10
CA TRP A 44 25.66 6.57 2.89
C TRP A 44 25.29 5.16 3.32
N ILE A 45 24.06 4.96 3.78
CA ILE A 45 23.65 3.63 4.19
C ILE A 45 23.73 2.67 2.99
N ALA A 46 23.22 3.11 1.85
CA ALA A 46 23.25 2.27 0.63
C ALA A 46 24.69 1.97 0.23
N GLU A 47 25.52 2.99 0.42
CA GLU A 47 26.95 2.85 0.17
C GLU A 47 27.55 1.82 1.11
N ARG A 48 27.14 1.85 2.38
CA ARG A 48 27.59 0.76 3.26
C ARG A 48 27.05 -0.63 2.97
N ARG A 49 25.79 -0.69 2.57
CA ARG A 49 25.16 -1.94 2.13
C ARG A 49 25.89 -2.52 0.91
N ASP A 50 26.23 -1.64 -0.02
CA ASP A 50 26.84 -2.18 -1.25
C ASP A 50 28.27 -2.55 -0.94
N ALA A 51 28.88 -1.87 0.03
CA ALA A 51 30.27 -2.13 0.39
C ALA A 51 30.69 -3.56 0.71
N ASN A 52 29.82 -4.35 1.34
CA ASN A 52 29.93 -5.81 1.23
C ASN A 52 28.54 -6.42 1.08
N VAL A 53 28.28 -7.14 0.00
CA VAL A 53 26.91 -7.58 -0.23
C VAL A 53 26.76 -8.81 0.67
N PHE A 54 25.60 -8.92 1.30
CA PHE A 54 25.27 -10.15 2.01
C PHE A 54 23.98 -10.64 1.37
N HIS A 55 23.88 -11.96 1.33
CA HIS A 55 22.70 -12.62 0.79
C HIS A 55 22.31 -13.40 2.05
N VAL A 56 21.03 -13.34 2.35
CA VAL A 56 20.50 -14.14 3.44
C VAL A 56 19.53 -15.04 2.68
N GLU A 57 19.70 -16.35 2.87
CA GLU A 57 18.76 -17.26 2.27
C GLU A 57 18.16 -18.19 3.32
N ARG A 58 16.88 -18.47 3.17
CA ARG A 58 16.24 -19.44 4.04
C ARG A 58 16.67 -20.86 3.68
N ILE A 59 16.80 -21.69 4.73
CA ILE A 59 17.45 -23.00 4.64
C ILE A 59 16.67 -23.94 5.55
N PRO A 60 16.72 -25.25 5.23
CA PRO A 60 16.06 -26.19 6.12
C PRO A 60 16.89 -26.23 7.40
N PHE A 61 16.28 -26.60 8.51
CA PHE A 61 16.94 -26.74 9.80
C PHE A 61 18.14 -27.71 9.70
N ALA A 62 17.97 -28.76 8.91
CA ALA A 62 19.04 -29.74 8.68
C ALA A 62 20.36 -29.13 8.22
N ASP A 63 20.26 -28.03 7.47
CA ASP A 63 21.42 -27.35 6.92
C ASP A 63 22.02 -26.27 7.82
N LEU A 64 21.38 -26.06 8.97
CA LEU A 64 22.09 -25.31 10.00
C LEU A 64 23.44 -25.95 10.30
N ASP A 65 24.50 -25.16 10.38
CA ASP A 65 25.83 -25.71 10.61
C ASP A 65 26.15 -25.98 12.08
N GLN A 66 26.36 -24.96 12.91
CA GLN A 66 26.67 -25.19 14.31
C GLN A 66 25.48 -25.09 15.27
N TRP A 67 24.25 -25.18 14.76
CA TRP A 67 23.02 -25.23 15.57
C TRP A 67 22.44 -26.64 15.54
N TRP A 68 21.84 -27.09 16.63
CA TRP A 68 21.09 -28.33 16.58
C TRP A 68 19.94 -28.32 17.55
N PHE A 69 18.99 -29.21 17.31
CA PHE A 69 18.03 -29.53 18.35
C PHE A 69 18.62 -30.55 19.32
N GLU A 70 18.94 -30.08 20.52
CA GLU A 70 19.60 -30.92 21.52
C GLU A 70 18.69 -32.08 21.96
N GLY A 71 19.20 -33.28 22.24
CA GLY A 71 18.21 -34.37 22.23
C GLY A 71 17.19 -34.55 23.35
N VAL A 72 17.55 -34.15 24.57
CA VAL A 72 16.59 -34.40 25.64
C VAL A 72 15.44 -33.39 25.56
N THR A 73 15.79 -32.15 25.26
CA THR A 73 14.85 -31.03 25.40
C THR A 73 14.28 -30.71 24.03
N GLY A 74 15.01 -31.02 22.96
CA GLY A 74 14.62 -30.52 21.65
C GLY A 74 14.86 -29.01 21.48
N ASN A 75 15.50 -28.35 22.43
CA ASN A 75 15.76 -26.90 22.32
C ASN A 75 16.72 -26.65 21.16
N LEU A 76 16.50 -25.55 20.43
CA LEU A 76 17.40 -25.19 19.36
C LEU A 76 18.56 -24.37 19.91
N VAL A 77 19.78 -24.90 19.83
CA VAL A 77 20.94 -24.37 20.56
C VAL A 77 22.14 -24.31 19.62
N HIS A 78 23.05 -23.40 19.91
CA HIS A 78 24.30 -23.33 19.16
C HIS A 78 25.31 -24.24 19.86
N ARG A 79 26.02 -25.11 19.13
CA ARG A 79 26.92 -26.03 19.84
C ARG A 79 27.98 -25.45 20.76
N SER A 80 28.45 -24.23 20.50
CA SER A 80 29.39 -23.55 21.39
C SER A 80 28.76 -22.99 22.66
N GLY A 81 27.43 -22.94 22.71
CA GLY A 81 26.81 -22.46 23.94
C GLY A 81 26.72 -20.95 23.88
N ARG A 82 27.16 -20.32 22.79
CA ARG A 82 26.83 -18.89 22.75
C ARG A 82 25.59 -18.50 21.95
N PHE A 83 25.31 -17.20 21.88
CA PHE A 83 24.17 -16.62 21.20
C PHE A 83 23.00 -17.10 22.04
N PHE A 84 21.88 -17.38 21.39
CA PHE A 84 20.64 -17.57 22.13
C PHE A 84 20.16 -19.01 21.91
N THR A 85 19.04 -19.34 22.54
CA THR A 85 18.40 -20.64 22.32
C THR A 85 16.94 -20.41 22.01
N ILE A 86 16.31 -21.36 21.32
CA ILE A 86 14.88 -21.37 21.21
C ILE A 86 14.39 -22.54 22.07
N GLU A 87 13.54 -22.22 23.04
CA GLU A 87 13.05 -23.17 24.02
C GLU A 87 11.54 -23.08 23.98
N GLY A 88 10.88 -23.69 24.95
CA GLY A 88 9.44 -23.63 25.06
C GLY A 88 8.96 -22.77 26.22
N LEU A 89 7.73 -22.29 26.13
CA LEU A 89 7.15 -21.54 27.24
C LEU A 89 5.70 -21.95 27.39
N HIS A 90 5.23 -22.07 28.61
CA HIS A 90 3.83 -22.34 28.94
C HIS A 90 3.38 -21.22 29.85
N VAL A 91 2.36 -20.50 29.39
CA VAL A 91 1.75 -19.43 30.19
C VAL A 91 0.31 -19.71 30.60
N ILE A 92 -0.05 -19.42 31.83
CA ILE A 92 -1.46 -19.36 32.23
C ILE A 92 -1.69 -18.02 32.92
N GLU A 93 -2.76 -17.35 32.49
CA GLU A 93 -3.27 -16.25 33.32
C GLU A 93 -4.55 -16.72 33.98
N HIS A 94 -4.59 -16.71 35.31
CA HIS A 94 -5.77 -17.21 36.02
C HIS A 94 -6.82 -16.13 36.19
N ASP A 95 -8.05 -16.58 36.29
CA ASP A 95 -9.16 -15.76 36.58
C ASP A 95 -9.79 -16.51 37.67
N GLY A 96 -9.41 -16.25 38.89
CA GLY A 96 -9.69 -17.27 39.90
C GLY A 96 -9.64 -16.41 41.13
CA PRO A 97 -9.46 -16.34 43.50
C PRO A 97 -8.49 -15.16 43.54
N HIS A 98 -7.28 -15.28 42.97
CA HIS A 98 -6.33 -14.18 43.12
C HIS A 98 -5.82 -13.41 41.90
N GLY A 99 -6.57 -13.46 40.80
CA GLY A 99 -6.26 -12.68 39.61
C GLY A 99 -7.55 -12.23 38.93
N ASP A 100 -7.47 -11.06 38.34
CA ASP A 100 -8.64 -10.52 37.61
C ASP A 100 -8.99 -11.23 36.31
N GLY A 101 -8.04 -11.94 35.68
CA GLY A 101 -8.30 -12.58 34.39
C GLY A 101 -8.42 -11.54 33.28
N PRO A 102 -9.02 -11.91 32.15
CA PRO A 102 -9.65 -13.22 31.92
C PRO A 102 -8.61 -14.35 31.85
N TYR A 103 -9.10 -15.58 31.99
CA TYR A 103 -8.28 -16.77 31.80
C TYR A 103 -7.68 -16.83 30.39
N ARG A 104 -6.39 -17.12 30.32
CA ARG A 104 -5.66 -17.41 29.09
C ARG A 104 -4.69 -18.56 29.38
N GLU A 105 -4.47 -19.44 28.40
CA GLU A 105 -3.45 -20.49 28.51
C GLU A 105 -2.92 -20.88 27.15
N TRP A 106 -1.60 -20.98 27.03
CA TRP A 106 -1.01 -21.34 25.74
C TRP A 106 0.41 -21.81 25.92
N GLN A 107 0.95 -22.47 24.90
CA GLN A 107 2.37 -22.81 24.87
C GLN A 107 2.94 -22.30 23.57
N GLN A 108 4.21 -21.94 23.62
CA GLN A 108 4.88 -21.41 22.45
C GLN A 108 6.38 -21.64 22.46
N PRO A 109 7.05 -21.59 21.29
CA PRO A 109 8.51 -21.44 21.34
C PRO A 109 8.83 -20.03 21.86
N VAL A 110 10.04 -19.85 22.37
CA VAL A 110 10.44 -18.57 22.96
C VAL A 110 11.95 -18.43 22.80
N ILE A 111 12.48 -17.22 22.62
CA ILE A 111 13.91 -17.00 22.55
C ILE A 111 14.43 -16.73 23.95
N ARG A 112 15.52 -17.41 24.29
CA ARG A 112 16.19 -17.23 25.59
C ARG A 112 17.65 -16.84 25.41
N GLN A 113 18.05 -15.84 26.20
CA GLN A 113 19.45 -15.40 26.15
C GLN A 113 19.77 -14.75 27.51
N PRO A 114 20.27 -15.51 28.48
CA PRO A 114 20.40 -14.96 29.82
C PRO A 114 21.38 -13.81 30.05
N GLU A 115 22.41 -13.68 29.22
CA GLU A 115 23.41 -12.61 29.41
C GLU A 115 22.88 -11.25 28.96
N VAL A 116 23.03 -10.25 29.83
CA VAL A 116 22.68 -8.86 29.46
C VAL A 116 23.70 -8.38 28.46
N GLY A 117 23.18 -7.85 27.35
CA GLY A 117 24.02 -7.21 26.33
C GLY A 117 24.13 -5.71 26.49
N ILE A 118 25.06 -5.15 25.73
CA ILE A 118 25.29 -3.70 25.77
C ILE A 118 24.67 -3.07 24.52
N LEU A 119 23.86 -2.03 24.75
CA LEU A 119 23.36 -1.17 23.68
C LEU A 119 23.89 0.21 24.06
N GLY A 120 24.98 0.63 23.41
CA GLY A 120 25.72 1.80 23.88
C GLY A 120 25.83 2.85 22.81
N ILE A 121 25.42 4.09 23.13
CA ILE A 121 25.65 5.22 22.22
C ILE A 121 26.66 6.15 22.81
N LEU A 122 27.73 6.41 22.05
CA LEU A 122 28.79 7.32 22.45
C LEU A 122 28.46 8.73 21.96
N ALA A 123 28.68 9.69 22.85
CA ALA A 123 28.32 11.07 22.53
C ALA A 123 29.58 11.90 22.66
N LYS A 124 29.66 12.95 21.83
CA LYS A 124 30.83 13.82 21.95
C LYS A 124 30.45 15.17 21.33
N GLU A 125 30.99 16.24 21.92
CA GLU A 125 30.69 17.57 21.37
C GLU A 125 31.61 17.89 20.18
N PHE A 126 31.01 18.44 19.13
CA PHE A 126 31.79 19.04 18.04
C PHE A 126 31.17 20.41 17.82
N ASP A 127 31.99 21.47 17.76
CA ASP A 127 31.51 22.81 17.48
C ASP A 127 30.46 23.20 18.52
N GLY A 128 30.65 22.77 19.76
CA GLY A 128 29.79 23.02 20.90
C GLY A 128 28.45 22.29 20.97
N VAL A 129 28.23 21.30 20.12
CA VAL A 129 26.91 20.62 20.08
C VAL A 129 27.16 19.10 20.20
N LEU A 130 26.44 18.41 21.08
CA LEU A 130 26.64 16.96 21.18
C LEU A 130 26.23 16.27 19.88
N HIS A 131 27.08 15.32 19.49
CA HIS A 131 26.74 14.37 18.44
C HIS A 131 26.78 12.96 19.02
N PHE A 132 26.13 12.03 18.32
CA PHE A 132 26.03 10.62 18.75
C PHE A 132 26.56 9.75 17.62
N LEU A 133 27.37 8.76 17.98
CA LEU A 133 28.08 7.97 16.97
C LEU A 133 27.27 6.77 16.55
N MET A 134 26.54 6.95 15.46
CA MET A 134 25.67 5.85 15.01
C MET A 134 26.42 4.89 14.09
N GLN A 135 25.96 3.64 14.08
CA GLN A 135 26.72 2.63 13.34
C GLN A 135 25.84 2.09 12.23
N ALA A 136 26.33 2.07 10.99
CA ALA A 136 25.57 1.44 9.93
C ALA A 136 25.85 -0.05 10.05
N LYS A 137 24.82 -0.82 10.39
CA LYS A 137 25.08 -2.18 10.85
C LYS A 137 24.23 -3.18 10.05
N MET A 138 24.90 -4.16 9.43
CA MET A 138 24.13 -5.19 8.72
C MET A 138 23.58 -6.24 9.72
N GLU A 139 22.31 -6.59 9.65
CA GLU A 139 21.79 -7.70 10.46
C GLU A 139 20.98 -8.54 9.48
N PRO A 140 21.04 -9.88 9.64
CA PRO A 140 20.44 -10.76 8.63
C PRO A 140 18.95 -10.63 8.44
N GLY A 141 18.23 -10.23 9.49
CA GLY A 141 16.78 -10.09 9.45
C GLY A 141 16.36 -8.67 9.13
N ASN A 142 17.28 -7.71 9.03
CA ASN A 142 16.78 -6.39 8.61
C ASN A 142 16.17 -6.49 7.21
N PRO A 143 14.97 -5.97 6.96
CA PRO A 143 14.38 -6.16 5.64
C PRO A 143 15.18 -5.52 4.51
N ASN A 144 15.85 -4.41 4.85
CA ASN A 144 16.79 -3.70 3.99
C ASN A 144 18.28 -3.85 4.31
N LEU A 145 18.59 -4.92 5.02
CA LEU A 145 19.93 -5.31 5.44
C LEU A 145 20.65 -4.40 6.45
N VAL A 146 20.78 -3.12 6.14
CA VAL A 146 21.58 -2.19 6.95
C VAL A 146 20.63 -1.12 7.52
N GLN A 147 20.67 -0.96 8.86
CA GLN A 147 20.04 0.14 9.57
C GLN A 147 21.03 0.77 10.56
N LEU A 148 20.64 1.86 11.22
CA LEU A 148 21.60 2.53 12.09
C LEU A 148 21.41 2.01 13.52
N SER A 149 22.47 1.40 14.02
CA SER A 149 22.45 0.79 15.34
C SER A 149 23.22 1.68 16.31
N PRO A 150 23.20 1.36 17.62
CA PRO A 150 24.07 2.06 18.56
C PRO A 150 25.55 1.89 18.21
N THR A 151 26.35 2.77 18.77
CA THR A 151 27.80 2.68 18.60
C THR A 151 28.30 1.29 18.96
N VAL A 152 27.80 0.71 20.05
CA VAL A 152 28.17 -0.63 20.46
C VAL A 152 26.87 -1.40 20.64
N GLN A 153 26.78 -2.53 19.94
CA GLN A 153 25.57 -3.35 20.04
C GLN A 153 26.09 -4.78 20.12
N ALA A 154 26.27 -5.34 21.32
CA ALA A 154 27.04 -6.57 21.51
C ALA A 154 26.76 -7.25 22.85
N THR A 155 26.61 -8.57 22.79
CA THR A 155 26.68 -9.38 24.02
C THR A 155 28.09 -9.92 24.12
N ARG A 156 28.75 -9.62 25.24
CA ARG A 156 30.21 -9.56 25.20
C ARG A 156 30.71 -10.98 24.97
N SER A 157 30.06 -11.97 25.56
CA SER A 157 30.71 -13.28 25.40
C SER A 157 30.38 -13.98 24.06
N ASN A 158 29.72 -13.31 23.13
CA ASN A 158 29.44 -13.82 21.78
C ASN A 158 30.67 -13.48 20.94
N TYR A 159 31.69 -12.91 21.57
CA TYR A 159 32.86 -12.40 20.84
C TYR A 159 34.16 -12.93 21.44
N THR A 160 34.84 -13.79 20.68
CA THR A 160 36.11 -14.39 21.14
C THR A 160 37.10 -13.37 21.70
N ASN A 167 37.30 -7.36 20.99
CA ASN A 167 37.13 -7.32 19.54
C ASN A 167 35.88 -6.61 19.03
N VAL A 168 35.09 -6.05 19.95
CA VAL A 168 34.01 -5.16 19.53
C VAL A 168 34.51 -3.71 19.55
N LYS A 169 34.36 -2.97 18.45
CA LYS A 169 34.97 -1.65 18.40
C LYS A 169 34.31 -0.74 19.43
N LEU A 170 35.09 0.00 20.22
CA LEU A 170 34.65 1.07 21.13
C LEU A 170 33.97 0.47 22.37
N ILE A 171 34.06 -0.83 22.59
CA ILE A 171 33.33 -1.41 23.72
C ILE A 171 33.88 -0.89 25.04
N GLU A 172 35.16 -0.50 25.02
CA GLU A 172 35.76 -0.05 26.27
C GLU A 172 35.10 1.20 26.86
N TYR A 173 34.42 1.99 26.04
CA TYR A 173 33.72 3.17 26.57
C TYR A 173 32.50 2.73 27.40
N PHE A 174 32.12 1.45 27.38
CA PHE A 174 30.88 1.01 28.03
C PHE A 174 31.13 -0.10 29.03
N ALA A 175 32.40 -0.41 29.26
CA ALA A 175 32.73 -1.67 29.95
C ALA A 175 34.00 -1.51 30.80
N PRO A 176 33.94 -0.71 31.87
CA PRO A 176 32.81 0.01 32.44
C PRO A 176 32.79 1.41 31.84
N PRO A 177 31.63 2.06 31.90
CA PRO A 177 31.58 3.44 31.43
C PRO A 177 32.35 4.31 32.43
N ASP A 178 32.85 5.45 32.00
CA ASP A 178 33.34 6.43 32.96
C ASP A 178 32.21 7.09 33.77
N PRO A 179 32.14 6.94 35.10
CA PRO A 179 30.95 7.42 35.80
C PRO A 179 30.75 8.93 35.76
N GLU A 180 31.85 9.62 35.40
CA GLU A 180 31.71 11.05 35.27
C GLU A 180 31.05 11.44 33.96
N ARG A 181 30.77 10.47 33.10
CA ARG A 181 30.32 10.81 31.76
C ARG A 181 29.05 10.03 31.37
N VAL A 182 28.33 9.48 32.35
CA VAL A 182 27.13 8.75 32.00
C VAL A 182 25.95 9.67 31.90
N ILE A 183 25.30 9.61 30.75
CA ILE A 183 24.05 10.30 30.48
C ILE A 183 22.89 9.35 30.80
N VAL A 184 22.94 8.11 30.33
CA VAL A 184 21.86 7.11 30.49
C VAL A 184 22.58 5.81 30.83
N ASP A 185 22.13 5.06 31.84
CA ASP A 185 22.56 3.66 32.00
C ASP A 185 21.42 2.93 32.73
N VAL A 186 20.79 1.98 32.07
CA VAL A 186 19.56 1.39 32.64
C VAL A 186 19.32 0.07 31.91
N LEU A 187 18.76 -0.91 32.61
CA LEU A 187 18.31 -2.12 31.89
C LEU A 187 16.87 -1.99 31.40
N GLN A 188 16.63 -2.37 30.14
CA GLN A 188 15.25 -2.30 29.62
C GLN A 188 14.92 -3.60 28.91
N ALA A 189 13.67 -4.00 29.10
CA ALA A 189 13.21 -5.29 28.58
C ALA A 189 12.91 -5.23 27.10
N GLU A 190 13.04 -6.40 26.46
CA GLU A 190 12.67 -6.53 25.04
C GLU A 190 11.34 -7.26 24.91
N GLN A 191 10.93 -7.59 23.68
CA GLN A 191 9.58 -8.10 23.42
C GLN A 191 9.19 -9.23 24.34
N GLY A 192 8.08 -9.04 25.04
CA GLY A 192 7.65 -10.07 25.98
C GLY A 192 6.84 -11.13 25.26
N SER A 193 6.49 -10.91 23.99
CA SER A 193 5.76 -12.00 23.33
C SER A 193 6.81 -13.02 22.88
N TRP A 194 8.03 -12.65 22.50
CA TRP A 194 8.92 -13.58 21.79
C TRP A 194 10.22 -13.88 22.54
N PHE A 195 10.56 -13.11 23.57
CA PHE A 195 11.76 -13.40 24.36
C PHE A 195 11.37 -13.70 25.81
N PHE A 196 12.14 -14.58 26.45
CA PHE A 196 11.83 -14.93 27.82
C PHE A 196 12.68 -14.02 28.75
N ARG A 197 12.03 -13.02 29.35
CA ARG A 197 12.65 -12.19 30.38
C ARG A 197 14.03 -11.65 29.93
N LYS A 198 14.07 -11.03 28.77
CA LYS A 198 15.33 -10.52 28.19
C LYS A 198 15.40 -9.02 28.46
N SER A 199 16.49 -8.53 29.06
CA SER A 199 16.70 -7.06 29.13
C SER A 199 18.15 -6.81 28.66
N ASN A 200 18.41 -5.64 28.08
CA ASN A 200 19.80 -5.31 27.74
C ASN A 200 20.05 -3.92 28.37
N ARG A 201 21.33 -3.63 28.49
CA ARG A 201 21.81 -2.46 29.23
C ARG A 201 21.87 -1.35 28.19
N ASN A 202 20.97 -0.37 28.34
CA ASN A 202 20.90 0.80 27.43
C ASN A 202 21.78 1.90 28.03
N MET A 203 22.72 2.41 27.23
CA MET A 203 23.75 3.33 27.79
C MET A 203 24.00 4.47 26.81
N ILE A 204 24.13 5.68 27.36
CA ILE A 204 24.60 6.81 26.55
C ILE A 204 25.71 7.46 27.34
N VAL A 205 26.92 7.57 26.77
CA VAL A 205 28.03 7.99 27.60
C VAL A 205 28.79 9.02 26.78
N GLU A 206 29.22 10.10 27.41
CA GLU A 206 29.98 11.15 26.69
C GLU A 206 31.49 10.89 26.73
N THR A 207 32.20 11.38 25.71
CA THR A 207 33.67 11.40 25.79
C THR A 207 34.16 12.75 25.25
N VAL A 208 35.31 13.22 25.73
CA VAL A 208 36.06 14.35 25.16
C VAL A 208 37.27 13.87 24.36
N ASP A 209 37.51 12.56 24.33
CA ASP A 209 38.65 11.98 23.61
C ASP A 209 38.52 12.13 22.09
N ASP A 210 39.64 12.08 21.35
CA ASP A 210 39.46 11.90 19.91
CA ASP A 210 39.57 11.87 19.90
C ASP A 210 39.09 10.42 19.74
N VAL A 211 38.00 10.17 19.02
CA VAL A 211 37.49 8.81 18.89
C VAL A 211 37.88 8.28 17.50
N PRO A 212 38.39 7.04 17.42
CA PRO A 212 38.67 6.49 16.08
C PRO A 212 37.40 6.31 15.27
N LEU A 213 37.46 6.68 13.99
CA LEU A 213 36.28 6.54 13.16
C LEU A 213 36.54 5.53 12.03
N TRP A 214 35.74 4.47 12.03
CA TRP A 214 35.68 3.47 10.97
C TRP A 214 34.59 3.77 9.96
N ASP A 215 34.64 3.17 8.77
CA ASP A 215 33.76 3.58 7.70
C ASP A 215 32.30 3.35 8.06
N ASP A 216 32.01 2.49 9.02
CA ASP A 216 30.60 2.19 9.27
C ASP A 216 29.97 3.10 10.32
N PHE A 217 30.63 4.17 10.70
CA PHE A 217 30.15 5.03 11.79
C PHE A 217 30.03 6.49 11.35
N CYS A 218 29.00 7.17 11.86
CA CYS A 218 28.75 8.56 11.51
C CYS A 218 28.28 9.30 12.76
N TRP A 219 28.92 10.42 13.07
CA TRP A 219 28.47 11.33 14.15
C TRP A 219 27.26 12.13 13.67
N LEU A 220 26.16 12.14 14.44
CA LEU A 220 24.93 12.83 14.06
C LEU A 220 24.44 13.59 15.28
N THR A 221 23.92 14.81 15.08
CA THR A 221 23.21 15.45 16.20
C THR A 221 21.89 14.76 16.49
N LEU A 222 21.35 15.09 17.67
CA LEU A 222 20.08 14.46 18.00
C LEU A 222 19.02 15.04 17.05
N GLY A 223 19.20 16.28 16.59
CA GLY A 223 18.20 16.77 15.64
C GLY A 223 18.24 16.05 14.28
N GLN A 224 19.44 15.66 13.86
CA GLN A 224 19.55 14.82 12.65
C GLN A 224 18.90 13.44 12.87
N ILE A 225 19.14 12.87 14.06
CA ILE A 225 18.51 11.60 14.40
C ILE A 225 17.00 11.78 14.45
N ALA A 226 16.49 12.91 14.94
CA ALA A 226 15.05 13.13 14.98
C ALA A 226 14.46 13.13 13.57
N GLU A 227 15.18 13.74 12.62
CA GLU A 227 14.64 13.68 11.25
C GLU A 227 14.64 12.25 10.73
N LEU A 228 15.73 11.52 10.97
CA LEU A 228 15.93 10.16 10.48
C LEU A 228 14.90 9.24 11.14
N MET A 229 14.50 9.56 12.38
CA MET A 229 13.46 8.79 13.05
CA MET A 229 13.46 8.79 13.05
C MET A 229 12.10 8.79 12.35
N HIS A 230 11.83 9.75 11.46
CA HIS A 230 10.55 9.77 10.71
C HIS A 230 10.63 8.87 9.48
N GLU A 231 11.81 8.39 9.14
CA GLU A 231 12.01 7.56 7.95
C GLU A 231 11.73 6.09 8.23
N ASP A 232 11.17 5.37 7.27
CA ASP A 232 10.96 3.93 7.56
C ASP A 232 12.29 3.19 7.65
N GLU A 233 12.34 2.19 8.54
CA GLU A 233 13.44 1.23 8.54
C GLU A 233 14.83 1.86 8.42
N THR A 234 15.11 2.83 9.29
CA THR A 234 16.37 3.55 9.22
C THR A 234 17.07 3.47 10.58
N ILE A 235 16.39 4.00 11.60
CA ILE A 235 17.02 3.98 12.94
C ILE A 235 16.51 2.65 13.53
N ASN A 236 17.43 1.76 13.90
CA ASN A 236 17.02 0.39 14.24
C ASN A 236 16.44 0.28 15.66
N MET A 237 15.88 -0.89 15.96
CA MET A 237 15.11 -1.07 17.21
C MET A 237 15.94 -0.72 18.45
N ASN A 238 17.18 -1.18 18.45
CA ASN A 238 18.07 -0.94 19.62
C ASN A 238 18.42 0.55 19.76
N SER A 239 18.67 1.23 18.64
CA SER A 239 18.87 2.68 18.69
C SER A 239 17.60 3.32 19.22
N ARG A 240 16.41 2.96 18.75
CA ARG A 240 15.23 3.67 19.29
C ARG A 240 15.07 3.39 20.79
N SER A 241 15.34 2.16 21.22
CA SER A 241 15.23 1.88 22.67
C SER A 241 16.17 2.79 23.48
N VAL A 242 17.43 2.93 23.06
CA VAL A 242 18.38 3.67 23.88
C VAL A 242 18.00 5.16 23.79
N LEU A 243 17.62 5.68 22.62
CA LEU A 243 17.32 7.12 22.52
C LEU A 243 16.06 7.46 23.30
N SER A 244 15.16 6.50 23.48
CA SER A 244 13.96 6.77 24.27
C SER A 244 14.25 7.09 25.74
N CYS A 245 15.47 6.74 26.16
CA CYS A 245 15.85 6.92 27.57
C CYS A 245 16.44 8.31 27.81
N LEU A 246 16.58 9.14 26.78
CA LEU A 246 17.23 10.46 26.98
C LEU A 246 16.40 11.29 27.95
N PRO A 247 17.10 11.86 28.95
CA PRO A 247 16.39 12.64 29.98
C PRO A 247 16.20 14.10 29.67
N TYR A 248 15.34 14.38 28.71
CA TYR A 248 14.81 15.73 28.50
C TYR A 248 14.18 16.44 29.71
N GLN A 249 14.31 17.77 29.79
CA GLN A 249 13.58 18.45 30.88
C GLN A 249 12.08 18.60 30.59
N ASP A 250 11.08 18.37 31.45
CA ASP A 250 9.62 18.53 31.17
C ASP A 250 9.20 19.98 30.94
N ILE A 251 8.72 20.41 29.77
CA ILE A 251 8.32 21.79 29.44
C ILE A 251 6.95 22.15 30.07
N THR A 252 6.12 21.15 30.37
CA THR A 252 4.74 21.25 30.93
C THR A 252 4.55 20.21 32.05
N PRO A 253 4.93 20.54 33.30
CA PRO A 253 5.08 19.56 34.36
C PRO A 253 3.80 19.38 35.20
N ARG A 254 2.67 19.19 34.51
CA ARG A 254 1.34 18.87 35.05
C ARG A 254 0.95 17.57 34.34
N ALA A 255 0.01 16.82 34.91
CA ALA A 255 -0.47 15.63 34.24
C ALA A 255 -1.75 15.22 35.00
N LEU A 256 -2.57 14.44 34.31
CA LEU A 256 -3.76 13.93 34.97
C LEU A 256 -3.47 13.15 36.26
N PHE A 257 -2.52 12.22 36.20
CA PHE A 257 -2.02 11.60 37.46
C PHE A 257 -0.78 12.34 37.92
N SER A 258 -0.72 12.63 39.22
CA SER A 258 0.59 13.03 39.75
C SER A 258 1.54 11.83 39.60
N ASP A 259 2.82 12.09 39.77
CA ASP A 259 3.74 10.96 39.57
C ASP A 259 3.50 9.82 40.59
N VAL A 260 3.19 10.17 41.84
CA VAL A 260 2.81 9.15 42.85
C VAL A 260 1.53 8.44 42.45
N GLN A 261 0.54 9.20 41.96
CA GLN A 261 -0.70 8.58 41.51
C GLN A 261 -0.45 7.59 40.37
N LEU A 262 0.50 7.92 39.48
CA LEU A 262 0.79 7.01 38.37
C LEU A 262 1.49 5.74 38.91
N LEU A 263 2.42 5.92 39.83
CA LEU A 263 3.05 4.73 40.44
C LEU A 263 2.01 3.85 41.15
N SER A 264 1.07 4.49 41.83
CA SER A 264 0.02 3.71 42.53
C SER A 264 -0.86 2.97 41.54
N TRP A 265 -1.29 3.64 40.47
CA TRP A 265 -2.12 2.99 39.43
C TRP A 265 -1.33 1.77 38.90
N PHE A 266 -0.07 1.98 38.54
CA PHE A 266 0.69 0.86 37.99
C PHE A 266 0.96 -0.27 38.98
N THR A 267 1.19 0.08 40.25
CA THR A 267 1.31 -0.92 41.32
C THR A 267 0.04 -1.80 41.35
N ASN A 268 -1.12 -1.15 41.30
CA ASN A 268 -2.34 -1.97 41.30
C ASN A 268 -2.41 -2.84 40.00
N GLU A 269 -2.02 -2.33 38.83
CA GLU A 269 -2.04 -3.19 37.62
C GLU A 269 -1.09 -4.38 37.82
N ARG A 270 0.09 -4.16 38.41
CA ARG A 270 1.07 -5.26 38.55
C ARG A 270 0.62 -6.24 39.64
N SER A 271 -0.27 -5.84 40.55
CA SER A 271 -0.70 -6.69 41.65
C SER A 271 -1.97 -7.46 41.31
N ARG A 272 -2.71 -7.06 40.28
CA ARG A 272 -4.09 -7.52 40.18
C ARG A 272 -4.24 -8.72 39.23
N HIS A 273 -3.15 -9.17 38.62
CA HIS A 273 -3.28 -10.31 37.69
C HIS A 273 -2.62 -11.53 38.32
N ASP A 274 -3.00 -12.72 37.85
CA ASP A 274 -2.29 -13.86 38.41
C ASP A 274 -1.78 -14.66 37.21
N VAL A 275 -0.49 -14.46 36.91
CA VAL A 275 0.12 -14.96 35.68
C VAL A 275 1.13 -15.99 36.16
N ARG A 276 1.10 -17.20 35.62
CA ARG A 276 2.13 -18.15 36.03
C ARG A 276 2.80 -18.66 34.77
N VAL A 277 4.12 -18.63 34.71
CA VAL A 277 4.79 -18.98 33.46
C VAL A 277 5.83 -20.03 33.78
N ARG A 278 6.05 -20.97 32.86
CA ARG A 278 7.22 -21.83 33.09
C ARG A 278 7.92 -22.09 31.77
N ARG A 279 9.24 -22.19 31.85
CA ARG A 279 10.02 -22.54 30.67
C ARG A 279 9.91 -24.07 30.54
N ILE A 280 9.67 -24.56 29.33
CA ILE A 280 9.57 -26.02 29.11
C ILE A 280 10.46 -26.35 27.90
N PRO A 281 10.79 -27.66 27.75
CA PRO A 281 11.44 -28.06 26.51
C PRO A 281 10.67 -27.77 25.23
N LEU A 282 11.37 -27.35 24.19
CA LEU A 282 10.76 -26.91 22.93
C LEU A 282 9.99 -28.17 22.47
N ALA A 283 10.57 -29.35 22.70
CA ALA A 283 9.90 -30.57 22.19
C ALA A 283 8.53 -30.78 22.81
N ASP A 284 8.27 -30.18 23.97
CA ASP A 284 7.03 -30.40 24.70
C ASP A 284 5.93 -29.42 24.30
N VAL A 285 6.26 -28.41 23.50
CA VAL A 285 5.27 -27.37 23.18
C VAL A 285 4.06 -27.91 22.43
N CYS A 286 2.84 -27.78 22.93
CA CYS A 286 1.61 -28.14 22.24
C CYS A 286 1.09 -26.99 21.35
N GLY A 287 0.40 -27.34 20.28
CA GLY A 287 -0.13 -26.34 19.35
C GLY A 287 0.79 -25.81 18.27
N TRP A 288 2.01 -26.30 18.25
CA TRP A 288 2.99 -25.87 17.25
C TRP A 288 3.55 -27.10 16.59
N LYS A 289 3.80 -26.98 15.28
CA LYS A 289 4.34 -28.11 14.51
C LYS A 289 5.74 -27.81 14.02
N GLN A 290 6.65 -28.74 14.28
CA GLN A 290 8.01 -28.55 13.80
C GLN A 290 8.24 -29.32 12.51
N GLY A 291 8.38 -28.59 11.41
CA GLY A 291 8.68 -29.13 10.10
C GLY A 291 10.16 -29.16 9.77
N ALA A 292 10.47 -29.42 8.50
CA ALA A 292 11.88 -29.45 8.10
C ALA A 292 12.41 -28.03 7.84
N GLU A 293 11.49 -27.09 7.61
CA GLU A 293 11.90 -25.71 7.40
C GLU A 293 11.50 -24.68 8.47
N GLU A 294 10.37 -24.91 9.12
CA GLU A 294 9.78 -23.93 10.07
C GLU A 294 9.15 -24.66 11.25
N ILE A 295 9.06 -23.94 12.37
CA ILE A 295 8.19 -24.36 13.46
C ILE A 295 7.09 -23.29 13.35
N GLU A 296 5.82 -23.67 13.27
CA GLU A 296 4.75 -22.72 13.06
C GLU A 296 3.55 -23.14 13.88
N HIS A 297 2.63 -22.23 14.13
CA HIS A 297 1.50 -22.51 14.99
C HIS A 297 0.50 -23.30 14.12
N GLU A 298 -0.26 -24.17 14.76
CA GLU A 298 -1.17 -25.05 13.99
C GLU A 298 -2.30 -24.31 13.27
N ASP A 299 -2.60 -23.09 13.72
CA ASP A 299 -3.65 -22.29 13.09
C ASP A 299 -3.05 -21.08 12.37
N GLY A 300 -1.72 -21.04 12.24
CA GLY A 300 -1.00 -20.13 11.36
C GLY A 300 -0.95 -18.73 11.95
N ARG A 301 -1.15 -18.62 13.26
CA ARG A 301 -1.01 -17.32 13.95
C ARG A 301 0.37 -17.03 14.55
N TYR A 302 0.60 -15.78 14.95
CA TYR A 302 1.71 -15.43 15.84
C TYR A 302 3.04 -15.28 15.11
N PHE A 303 3.83 -16.33 14.92
CA PHE A 303 5.13 -16.18 14.31
C PHE A 303 5.58 -17.56 13.81
N LYS A 304 6.66 -17.59 13.03
CA LYS A 304 7.34 -18.87 12.78
C LYS A 304 8.81 -18.83 13.17
N VAL A 305 9.36 -19.98 13.56
CA VAL A 305 10.81 -20.10 13.69
C VAL A 305 11.37 -20.69 12.40
N LEU A 306 12.42 -20.09 11.85
CA LEU A 306 12.92 -20.54 10.55
C LEU A 306 14.43 -20.53 10.65
N ALA A 307 15.15 -20.89 9.57
CA ALA A 307 16.60 -20.90 9.59
C ALA A 307 17.16 -20.22 8.36
N VAL A 308 18.28 -19.51 8.50
CA VAL A 308 18.81 -18.78 7.35
C VAL A 308 20.31 -19.09 7.25
N ALA A 309 20.85 -19.11 6.03
CA ALA A 309 22.28 -18.97 5.84
C ALA A 309 22.62 -17.55 5.41
N VAL A 310 23.72 -17.05 5.96
CA VAL A 310 24.19 -15.69 5.70
C VAL A 310 25.51 -15.78 4.97
N LYS A 311 25.57 -15.27 3.75
CA LYS A 311 26.85 -15.28 3.06
C LYS A 311 27.20 -13.86 2.65
N GLY A 312 28.45 -13.51 2.97
CA GLY A 312 29.13 -12.38 2.34
C GLY A 312 29.47 -12.62 0.88
N SER A 313 30.25 -11.67 0.36
CA SER A 313 30.56 -11.58 -1.06
C SER A 313 32.02 -11.17 -1.28
N ILE A 318 33.30 -14.62 5.22
CA ILE A 318 32.53 -14.57 6.47
C ILE A 318 31.14 -15.14 6.23
N SER A 319 30.76 -16.16 6.98
CA SER A 319 29.43 -16.71 6.84
C SER A 319 29.03 -17.54 8.03
N TRP A 320 27.73 -17.74 8.20
CA TRP A 320 27.21 -18.44 9.36
C TRP A 320 25.79 -18.80 9.02
N THR A 321 25.18 -19.62 9.87
CA THR A 321 23.79 -20.01 9.71
C THR A 321 23.19 -19.71 11.08
N GLN A 322 21.89 -19.41 11.13
CA GLN A 322 21.27 -19.19 12.44
C GLN A 322 19.75 -19.28 12.30
N PRO A 323 19.03 -19.55 13.39
CA PRO A 323 17.58 -19.40 13.41
C PRO A 323 17.25 -17.91 13.38
N LEU A 324 16.07 -17.62 12.84
CA LEU A 324 15.41 -16.33 13.01
C LEU A 324 13.93 -16.54 13.28
N VAL A 325 13.25 -15.54 13.85
CA VAL A 325 11.82 -15.56 14.07
C VAL A 325 11.15 -14.56 13.13
N GLU A 326 10.16 -15.01 12.39
CA GLU A 326 9.35 -14.09 11.55
C GLU A 326 7.90 -14.01 11.98
N SER A 327 7.26 -12.85 11.88
CA SER A 327 5.89 -12.74 12.35
C SER A 327 4.97 -13.12 11.18
N VAL A 328 3.69 -13.28 11.49
CA VAL A 328 2.75 -13.69 10.43
C VAL A 328 2.13 -12.56 9.60
N ASP A 329 2.35 -11.28 9.97
CA ASP A 329 1.68 -10.19 9.30
C ASP A 329 2.41 -8.91 9.77
N LEU A 330 2.10 -7.81 9.11
CA LEU A 330 2.58 -6.50 9.56
C LEU A 330 1.89 -6.14 10.87
N GLY A 331 2.64 -5.67 11.86
CA GLY A 331 2.02 -5.27 13.12
C GLY A 331 1.50 -3.84 13.09
N VAL A 332 0.68 -3.47 14.07
CA VAL A 332 0.10 -2.14 14.23
C VAL A 332 0.40 -1.76 15.69
N VAL A 333 1.13 -0.66 15.89
CA VAL A 333 1.49 -0.24 17.25
C VAL A 333 1.19 1.25 17.27
N ALA A 334 0.31 1.68 18.18
CA ALA A 334 -0.07 3.10 18.11
C ALA A 334 -0.28 3.67 19.51
N PHE A 335 0.08 4.94 19.70
CA PHE A 335 -0.51 5.70 20.82
C PHE A 335 -1.70 6.59 20.42
N LEU A 336 -2.81 6.57 21.14
CA LEU A 336 -3.82 7.65 20.98
C LEU A 336 -3.42 8.80 21.91
N VAL A 337 -3.62 10.02 21.45
CA VAL A 337 -3.16 11.23 22.16
C VAL A 337 -4.37 12.13 22.38
N ARG A 338 -4.43 12.71 23.58
CA ARG A 338 -5.46 13.74 23.79
CA ARG A 338 -5.49 13.68 23.88
C ARG A 338 -4.82 14.84 24.60
N LYS A 339 -5.20 16.10 24.33
CA LYS A 339 -4.72 17.16 25.21
C LYS A 339 -5.73 17.27 26.33
N ILE A 340 -5.21 17.31 27.56
CA ILE A 340 -6.07 17.39 28.72
C ILE A 340 -5.67 18.70 29.38
N ASP A 341 -6.60 19.67 29.45
CA ASP A 341 -6.19 21.02 29.84
C ASP A 341 -4.98 21.51 29.09
N GLY A 342 -4.90 21.27 27.79
CA GLY A 342 -3.71 21.75 27.13
C GLY A 342 -2.44 20.92 27.19
N VAL A 343 -2.43 19.85 27.98
CA VAL A 343 -1.22 19.04 28.08
C VAL A 343 -1.44 17.69 27.37
N PRO A 344 -0.64 17.39 26.35
CA PRO A 344 -0.74 16.10 25.65
C PRO A 344 -0.48 14.90 26.58
N HIS A 345 -1.42 13.94 26.48
CA HIS A 345 -1.26 12.66 27.18
C HIS A 345 -1.42 11.54 26.15
N VAL A 346 -0.79 10.40 26.40
CA VAL A 346 -0.99 9.24 25.53
C VAL A 346 -1.69 8.17 26.37
N LEU A 347 -2.46 7.30 25.73
CA LEU A 347 -3.21 6.30 26.50
C LEU A 347 -2.42 5.00 26.59
N VAL A 348 -1.78 4.76 27.74
CA VAL A 348 -0.95 3.54 27.81
C VAL A 348 -1.84 2.39 28.24
N GLN A 349 -1.36 1.18 27.96
CA GLN A 349 -1.99 -0.05 28.47
C GLN A 349 -0.97 -0.79 29.35
N ALA A 350 -1.46 -1.29 30.49
CA ALA A 350 -0.56 -2.06 31.34
C ALA A 350 -0.69 -3.51 30.87
N ARG A 351 0.20 -3.85 29.96
CA ARG A 351 0.08 -5.10 29.18
C ARG A 351 0.67 -6.32 29.91
N VAL A 352 0.04 -7.48 29.74
CA VAL A 352 0.48 -8.69 30.45
C VAL A 352 0.99 -9.66 29.39
N ASP A 353 2.29 -9.79 29.21
CA ASP A 353 2.83 -10.71 28.21
C ASP A 353 3.58 -11.85 28.89
N GLY A 354 3.67 -12.96 28.16
CA GLY A 354 4.26 -14.15 28.79
C GLY A 354 5.75 -14.11 29.13
N GLY A 355 6.54 -13.27 28.46
CA GLY A 355 7.97 -13.20 28.67
C GLY A 355 8.32 -12.06 29.61
N PHE A 356 7.35 -11.33 30.18
CA PHE A 356 7.76 -10.25 31.06
C PHE A 356 8.25 -10.79 32.43
N LEU A 357 9.21 -10.06 32.99
CA LEU A 357 9.71 -10.46 34.32
C LEU A 357 8.75 -10.16 35.46
N ASP A 358 8.09 -9.00 35.42
CA ASP A 358 7.28 -8.54 36.55
C ASP A 358 5.83 -8.27 36.14
N THR A 359 5.22 -9.27 35.49
CA THR A 359 3.81 -9.36 35.20
C THR A 359 3.40 -8.34 34.12
N VAL A 360 3.63 -7.06 34.40
CA VAL A 360 3.12 -6.05 33.46
C VAL A 360 4.26 -5.12 33.06
N GLU A 361 4.10 -4.50 31.90
CA GLU A 361 4.91 -3.33 31.51
C GLU A 361 3.99 -2.35 30.79
N LEU A 362 4.28 -1.05 30.80
CA LEU A 362 3.40 -0.16 30.03
C LEU A 362 3.71 -0.29 28.55
N ALA A 363 2.63 -0.25 27.76
CA ALA A 363 2.73 -0.51 26.32
C ALA A 363 1.87 0.53 25.60
N PRO A 364 2.00 0.62 24.28
CA PRO A 364 1.17 1.55 23.50
C PRO A 364 -0.30 1.23 23.61
N THR A 365 -1.15 2.20 23.26
CA THR A 365 -2.61 2.04 23.30
C THR A 365 -2.97 0.77 22.54
N VAL A 366 -2.42 0.58 21.35
CA VAL A 366 -2.71 -0.58 20.51
C VAL A 366 -1.36 -1.24 20.23
N GLN A 367 -1.23 -2.54 20.42
CA GLN A 367 -0.01 -3.23 20.04
C GLN A 367 -0.47 -4.63 19.64
N CYS A 368 -0.49 -4.89 18.35
CA CYS A 368 -0.93 -6.25 17.96
C CYS A 368 -0.50 -6.58 16.52
N THR A 369 -0.56 -7.86 16.20
CA THR A 369 -0.53 -8.25 14.79
C THR A 369 -1.99 -8.62 14.46
N PRO A 370 -2.68 -7.87 13.58
CA PRO A 370 -4.11 -7.99 13.48
C PRO A 370 -4.57 -9.40 13.11
N LEU A 371 -3.79 -10.08 12.29
CA LEU A 371 -4.18 -11.47 11.93
C LEU A 371 -4.38 -12.36 13.16
N ASN A 372 -3.66 -12.11 14.26
CA ASN A 372 -3.83 -12.92 15.45
C ASN A 372 -5.20 -12.83 16.09
N TYR A 373 -6.03 -11.90 15.63
CA TYR A 373 -7.33 -11.72 16.23
C TYR A 373 -8.47 -11.97 15.23
N ALA A 374 -8.13 -12.32 13.98
CA ALA A 374 -9.06 -12.40 12.86
C ALA A 374 -10.03 -13.55 13.09
N HIS A 375 -9.61 -14.55 13.85
CA HIS A 375 -10.50 -15.68 14.18
C HIS A 375 -11.50 -15.36 15.29
N LEU A 376 -11.38 -14.23 16.01
CA LEU A 376 -12.21 -14.00 17.19
C LEU A 376 -13.29 -13.00 16.81
N PRO A 377 -14.37 -12.89 17.61
CA PRO A 377 -15.41 -11.91 17.29
C PRO A 377 -14.90 -10.46 17.32
N ALA A 378 -15.49 -9.56 16.54
CA ALA A 378 -15.14 -8.14 16.65
C ALA A 378 -15.01 -7.58 18.07
N GLU A 379 -15.79 -8.08 19.03
CA GLU A 379 -15.66 -7.58 20.39
C GLU A 379 -14.53 -8.15 21.25
N GLU A 380 -13.81 -9.13 20.73
CA GLU A 380 -12.55 -9.51 21.36
C GLU A 380 -11.34 -9.02 20.57
N ALA A 381 -11.53 -8.12 19.61
CA ALA A 381 -10.39 -7.43 18.98
C ALA A 381 -9.72 -6.56 20.05
N PRO A 382 -8.43 -6.27 19.88
CA PRO A 382 -7.77 -5.38 20.86
C PRO A 382 -8.54 -4.05 20.94
N PRO A 383 -8.79 -3.54 22.16
CA PRO A 383 -9.44 -2.25 22.23
C PRO A 383 -8.72 -1.20 21.38
N PHE A 384 -9.49 -0.35 20.73
CA PHE A 384 -8.99 0.75 19.90
C PHE A 384 -8.36 0.36 18.58
N LEU A 385 -8.29 -0.92 18.24
CA LEU A 385 -7.64 -1.29 16.98
C LEU A 385 -8.42 -0.65 15.82
N ASP A 386 -9.74 -0.76 15.87
CA ASP A 386 -10.53 -0.28 14.72
C ASP A 386 -10.31 1.21 14.44
N LEU A 387 -10.22 1.96 15.52
CA LEU A 387 -10.00 3.41 15.52
C LEU A 387 -8.65 3.80 14.95
N VAL A 388 -7.66 2.98 15.27
CA VAL A 388 -6.33 3.26 14.78
C VAL A 388 -6.28 2.84 13.31
N GLN A 389 -6.94 1.76 12.93
CA GLN A 389 -6.68 1.23 11.58
C GLN A 389 -7.39 2.13 10.57
N ASN A 390 -8.42 2.83 11.03
CA ASN A 390 -9.26 3.65 10.18
C ASN A 390 -9.12 5.13 10.55
N ALA A 391 -7.95 5.59 10.99
CA ALA A 391 -7.78 7.01 11.29
C ALA A 391 -7.45 7.88 10.05
N PRO A 392 -8.01 9.10 9.99
CA PRO A 392 -7.77 10.21 9.04
C PRO A 392 -6.37 10.76 9.00
N ARG A 393 -5.94 11.15 7.81
CA ARG A 393 -4.61 11.73 7.76
C ARG A 393 -4.55 12.91 8.74
N SER A 394 -5.71 13.51 9.03
CA SER A 394 -5.61 14.82 9.69
C SER A 394 -5.34 14.61 11.18
N ARG A 395 -5.68 13.42 11.64
CA ARG A 395 -5.49 13.06 13.07
C ARG A 395 -4.18 12.29 13.22
N ILE A 396 -3.49 11.96 12.13
CA ILE A 396 -2.23 11.25 12.25
C ILE A 396 -1.05 12.19 12.46
N ARG A 397 -0.49 12.14 13.67
CA ARG A 397 0.61 12.99 14.06
C ARG A 397 1.96 12.41 13.66
N TYR A 398 2.06 11.09 13.61
CA TYR A 398 3.31 10.42 13.27
C TYR A 398 2.92 9.08 12.69
N GLU A 399 3.61 8.70 11.61
CA GLU A 399 3.45 7.36 11.02
C GLU A 399 4.71 6.92 10.32
N ALA A 400 5.17 5.70 10.64
CA ALA A 400 6.32 5.16 9.93
C ALA A 400 6.28 3.66 10.11
N ILE A 401 6.98 2.93 9.23
CA ILE A 401 7.14 1.47 9.44
C ILE A 401 8.55 1.25 9.96
N HIS A 402 8.65 0.56 11.10
CA HIS A 402 9.92 0.25 11.74
C HIS A 402 9.94 -1.28 11.89
N SER A 403 11.17 -1.77 11.91
CA SER A 403 11.34 -3.23 12.07
C SER A 403 11.98 -3.57 13.41
N GLU A 404 11.85 -4.83 13.81
CA GLU A 404 12.46 -5.21 15.09
C GLU A 404 13.85 -5.81 14.93
N GLU A 405 14.54 -6.15 16.02
CA GLU A 405 15.96 -6.44 15.97
C GLU A 405 16.36 -7.52 14.95
N GLY A 406 17.23 -7.14 14.02
CA GLY A 406 17.44 -7.98 12.84
C GLY A 406 18.38 -9.12 13.18
N GLY A 407 19.04 -9.10 14.33
CA GLY A 407 19.78 -10.28 14.77
C GLY A 407 18.95 -11.48 15.16
N ARG A 408 17.66 -11.29 15.47
CA ARG A 408 16.76 -12.36 15.90
C ARG A 408 15.49 -12.48 15.07
N PHE A 409 15.12 -11.40 14.37
CA PHE A 409 13.81 -11.35 13.72
C PHE A 409 13.99 -11.11 12.22
N LEU A 410 13.28 -11.89 11.40
CA LEU A 410 13.40 -11.77 9.94
C LEU A 410 12.24 -10.91 9.47
N GLY A 411 12.55 -9.66 9.12
CA GLY A 411 11.57 -8.79 8.48
C GLY A 411 10.34 -8.54 9.32
N VAL A 412 10.52 -8.46 10.65
CA VAL A 412 9.33 -8.25 11.46
C VAL A 412 9.06 -6.73 11.55
N ARG A 413 7.97 -6.31 10.90
CA ARG A 413 7.73 -4.86 10.69
C ARG A 413 6.37 -4.51 11.31
N ALA A 414 6.19 -3.23 11.70
CA ALA A 414 4.89 -2.74 12.15
C ALA A 414 4.77 -1.30 11.73
N ARG A 415 3.52 -0.86 11.56
CA ARG A 415 3.19 0.54 11.32
C ARG A 415 3.11 1.15 12.73
N TYR A 416 4.00 2.10 12.98
CA TYR A 416 4.02 2.80 14.28
C TYR A 416 3.37 4.15 14.08
N LEU A 417 2.35 4.42 14.88
CA LEU A 417 1.51 5.62 14.73
C LEU A 417 1.35 6.39 16.04
N VAL A 418 1.14 7.70 15.91
CA VAL A 418 0.69 8.54 17.03
C VAL A 418 -0.49 9.26 16.43
N ILE A 419 -1.66 9.08 17.04
CA ILE A 419 -2.92 9.58 16.47
C ILE A 419 -3.71 10.39 17.51
N ASP A 420 -4.19 11.55 17.08
CA ASP A 420 -5.06 12.31 17.97
C ASP A 420 -6.40 11.63 18.15
N ALA A 421 -6.76 11.46 19.42
CA ALA A 421 -8.05 10.82 19.66
C ALA A 421 -9.13 11.87 19.39
N ASP A 422 -10.01 11.63 18.43
CA ASP A 422 -11.06 12.59 18.05
C ASP A 422 -12.03 12.96 19.18
N GLU A 423 -12.17 12.12 20.20
CA GLU A 423 -13.04 12.50 21.31
C GLU A 423 -12.42 11.99 22.59
N ALA A 424 -12.84 12.54 23.72
CA ALA A 424 -12.45 12.04 25.04
C ALA A 424 -12.59 10.51 25.09
N ILE A 425 -11.67 9.85 25.79
CA ILE A 425 -11.95 8.46 26.11
C ILE A 425 -11.88 8.22 27.62
N ASP A 426 -12.88 7.45 28.05
CA ASP A 426 -12.85 6.83 29.36
C ASP A 426 -11.94 5.60 29.17
N PRO A 427 -10.78 5.61 29.82
CA PRO A 427 -9.97 4.41 29.65
C PRO A 427 -10.68 3.17 30.23
N PRO A 428 -10.64 2.08 29.47
CA PRO A 428 -11.08 0.76 29.94
C PRO A 428 -10.07 0.23 30.98
N PRO A 429 -10.43 -0.81 31.75
CA PRO A 429 -9.53 -1.37 32.72
C PRO A 429 -8.20 -1.73 32.03
N GLY A 430 -7.11 -1.42 32.73
CA GLY A 430 -5.77 -1.65 32.19
C GLY A 430 -5.19 -0.50 31.39
N TYR A 431 -5.95 0.59 31.22
CA TYR A 431 -5.45 1.72 30.45
C TYR A 431 -5.45 3.03 31.24
N ALA A 432 -4.55 3.95 30.88
CA ALA A 432 -4.46 5.21 31.62
C ALA A 432 -3.80 6.30 30.80
N TRP A 433 -4.22 7.55 30.98
CA TRP A 433 -3.60 8.71 30.31
C TRP A 433 -2.33 9.14 31.04
N VAL A 434 -1.20 9.11 30.32
CA VAL A 434 0.10 9.45 30.95
C VAL A 434 0.80 10.43 30.00
N THR A 435 1.59 11.36 30.54
CA THR A 435 2.30 12.21 29.61
C THR A 435 3.58 11.55 29.10
N PRO A 436 4.00 11.92 27.89
CA PRO A 436 5.32 11.43 27.51
C PRO A 436 6.42 11.75 28.50
N ALA A 437 6.42 12.93 29.12
CA ALA A 437 7.46 13.20 30.12
C ALA A 437 7.42 12.21 31.27
N GLN A 438 6.22 11.77 31.67
CA GLN A 438 6.20 10.77 32.75
C GLN A 438 6.85 9.46 32.26
N LEU A 439 6.62 9.10 31.00
CA LEU A 439 7.25 7.90 30.44
C LEU A 439 8.76 8.12 30.42
N THR A 440 9.28 9.29 30.02
CA THR A 440 10.72 9.57 29.97
C THR A 440 11.27 9.37 31.39
N ALA A 441 10.59 9.89 32.42
CA ALA A 441 11.11 9.74 33.77
C ALA A 441 11.17 8.26 34.19
N LEU A 442 10.18 7.45 33.81
CA LEU A 442 10.18 6.03 34.21
C LEU A 442 11.30 5.31 33.48
N THR A 443 11.82 5.79 32.34
CA THR A 443 12.92 5.03 31.69
C THR A 443 14.21 5.08 32.50
N ARG A 444 14.27 5.79 33.64
CA ARG A 444 15.46 5.69 34.51
C ARG A 444 15.50 4.31 35.16
N HIS A 445 14.39 3.57 35.10
CA HIS A 445 14.20 2.29 35.81
C HIS A 445 13.75 1.22 34.84
N GLY A 446 14.05 -0.03 35.20
CA GLY A 446 13.54 -1.07 34.29
C GLY A 446 12.13 -1.56 34.58
N HIS A 447 11.55 -2.21 33.56
CA HIS A 447 10.26 -2.90 33.65
C HIS A 447 9.09 -1.95 33.76
N TYR A 448 9.27 -0.68 33.39
CA TYR A 448 8.09 0.16 33.38
C TYR A 448 7.60 0.36 31.95
N VAL A 449 8.52 0.58 31.00
CA VAL A 449 8.13 0.98 29.63
C VAL A 449 8.57 -0.13 28.67
N ASN A 450 7.66 -0.77 27.94
CA ASN A 450 8.05 -1.88 27.06
C ASN A 450 8.73 -1.39 25.76
N VAL A 451 9.28 -2.33 24.99
CA VAL A 451 10.15 -1.87 23.89
C VAL A 451 9.29 -1.14 22.85
N GLU A 452 8.07 -1.59 22.61
CA GLU A 452 7.23 -0.88 21.61
C GLU A 452 6.85 0.56 22.01
N ALA A 453 6.55 0.69 23.29
CA ALA A 453 6.33 2.03 23.84
C ALA A 453 7.59 2.88 23.85
N ARG A 454 8.73 2.25 24.11
CA ARG A 454 9.98 3.03 24.01
C ARG A 454 10.20 3.54 22.58
N THR A 455 9.90 2.69 21.60
CA THR A 455 10.04 3.13 20.18
C THR A 455 9.08 4.29 19.96
N LEU A 456 7.84 4.23 20.44
CA LEU A 456 6.94 5.35 20.18
C LEU A 456 7.36 6.58 20.99
N LEU A 457 7.93 6.41 22.18
CA LEU A 457 8.46 7.61 22.88
C LEU A 457 9.59 8.26 22.09
N ALA A 458 10.48 7.46 21.52
CA ALA A 458 11.53 8.05 20.67
C ALA A 458 10.89 8.76 19.47
N CYS A 459 9.78 8.22 18.94
CA CYS A 459 9.15 8.87 17.80
C CYS A 459 8.46 10.17 18.21
N ILE A 460 7.84 10.19 19.39
CA ILE A 460 7.17 11.41 19.89
C ILE A 460 8.25 12.47 20.14
N ASN A 461 9.37 12.05 20.71
CA ASN A 461 10.41 13.03 21.04
C ASN A 461 11.02 13.55 19.72
N ALA A 462 11.19 12.69 18.71
CA ALA A 462 11.66 13.14 17.39
C ALA A 462 10.67 14.12 16.74
N ALA A 463 9.37 13.87 16.84
CA ALA A 463 8.35 14.73 16.20
C ALA A 463 8.32 16.08 16.90
N ALA A 464 8.61 16.08 18.21
CA ALA A 464 8.68 17.33 18.94
C ALA A 464 9.90 18.15 18.58
N ALA A 465 11.04 17.51 18.32
CA ALA A 465 12.32 18.22 18.14
C ALA A 465 12.40 18.76 16.71
N GLN A 466 11.94 17.98 15.74
CA GLN A 466 12.06 18.28 14.30
C GLN A 466 10.74 17.93 13.59
N PRO A 467 9.70 18.75 13.76
CA PRO A 467 8.44 18.27 13.20
C PRO A 467 8.43 18.28 11.67
N ARG A 468 7.61 17.42 11.08
CA ARG A 468 7.40 17.42 9.63
C ARG A 468 6.03 17.92 9.19
N ALA B 11 -39.43 21.56 -0.98
CA ALA B 11 -38.01 21.93 -1.22
C ALA B 11 -37.52 21.69 -2.68
N VAL B 12 -37.95 22.48 -3.65
CA VAL B 12 -37.51 22.29 -5.04
C VAL B 12 -36.20 23.05 -5.16
N ARG B 13 -35.40 22.80 -6.20
CA ARG B 13 -34.13 23.48 -6.43
C ARG B 13 -34.07 23.73 -7.94
N PRO B 14 -33.22 24.67 -8.38
CA PRO B 14 -33.01 24.84 -9.82
C PRO B 14 -32.57 23.49 -10.44
N ARG B 15 -33.02 23.31 -11.66
CA ARG B 15 -32.71 22.04 -12.34
C ARG B 15 -31.22 21.90 -12.59
N ASP B 16 -30.47 23.02 -12.67
CA ASP B 16 -29.04 23.13 -12.85
CA ASP B 16 -29.02 22.86 -12.79
C ASP B 16 -28.33 23.33 -11.51
N HIS B 17 -28.97 23.08 -10.37
CA HIS B 17 -28.37 23.32 -9.04
C HIS B 17 -27.03 22.60 -8.79
N HIS B 18 -26.09 23.27 -8.13
CA HIS B 18 -24.83 22.68 -7.67
CA HIS B 18 -24.84 22.64 -7.66
C HIS B 18 -24.02 22.28 -8.90
N ASP B 19 -23.83 23.22 -9.82
CA ASP B 19 -22.93 23.00 -10.96
C ASP B 19 -21.48 22.99 -10.47
N TYR B 20 -20.76 21.91 -10.78
CA TYR B 20 -19.38 21.80 -10.33
C TYR B 20 -18.38 22.31 -11.36
N ALA B 21 -18.86 22.97 -12.42
CA ALA B 21 -17.89 23.23 -13.50
C ALA B 21 -16.75 24.13 -13.10
N ASP B 22 -17.04 25.21 -12.36
CA ASP B 22 -15.93 26.06 -11.91
C ASP B 22 -14.93 25.38 -10.98
N ARG B 23 -15.41 24.50 -10.12
CA ARG B 23 -14.56 23.78 -9.18
CA ARG B 23 -14.50 23.83 -9.20
C ARG B 23 -13.68 22.78 -9.98
N ILE B 24 -14.31 22.17 -10.99
CA ILE B 24 -13.59 21.20 -11.82
C ILE B 24 -12.51 21.98 -12.57
N ALA B 25 -12.86 23.13 -13.14
CA ALA B 25 -11.87 23.91 -13.92
C ALA B 25 -10.69 24.32 -13.04
N LEU B 26 -10.96 24.75 -11.81
CA LEU B 26 -9.89 25.15 -10.92
C LEU B 26 -8.97 23.99 -10.60
N SER B 27 -9.55 22.81 -10.38
CA SER B 27 -8.74 21.65 -10.02
C SER B 27 -7.86 21.22 -11.23
N ALA B 28 -8.40 21.31 -12.44
CA ALA B 28 -7.68 20.92 -13.67
C ALA B 28 -6.51 21.88 -13.87
N ALA B 29 -6.69 23.14 -13.42
CA ALA B 29 -5.67 24.16 -13.67
C ALA B 29 -4.55 24.13 -12.64
N THR B 30 -4.67 23.32 -11.59
CA THR B 30 -3.77 23.34 -10.45
C THR B 30 -2.89 22.09 -10.41
N THR B 31 -1.57 22.22 -10.35
CA THR B 31 -0.77 21.01 -10.14
C THR B 31 -0.11 20.90 -8.78
N ASP B 32 -0.26 21.94 -7.99
CA ASP B 32 0.04 21.90 -6.56
C ASP B 32 -0.84 21.09 -5.58
N GLY B 33 -0.66 19.77 -5.48
CA GLY B 33 -1.58 19.00 -4.65
C GLY B 33 -1.16 18.91 -3.18
N VAL B 34 -2.16 18.68 -2.33
CA VAL B 34 -1.99 18.47 -0.90
C VAL B 34 -0.99 17.37 -0.55
N GLN B 35 -0.88 16.27 -1.29
CA GLN B 35 -0.28 15.04 -0.75
C GLN B 35 1.04 14.56 -1.35
N MET B 36 1.19 14.66 -2.67
CA MET B 36 2.50 14.38 -3.26
C MET B 36 2.66 15.31 -4.45
N ARG B 37 3.90 15.63 -4.82
CA ARG B 37 4.14 16.39 -6.03
C ARG B 37 4.06 15.33 -7.12
N THR B 38 3.73 15.84 -8.31
CA THR B 38 3.44 14.87 -9.34
C THR B 38 4.62 13.91 -9.59
N GLU B 39 5.82 14.41 -9.40
CA GLU B 39 7.00 13.62 -9.78
C GLU B 39 7.21 12.43 -8.85
N ASP B 40 7.03 12.66 -7.56
CA ASP B 40 6.90 11.59 -6.56
C ASP B 40 6.07 10.38 -7.02
N VAL B 41 4.91 10.60 -7.65
CA VAL B 41 3.89 9.55 -7.71
C VAL B 41 4.44 8.23 -8.27
N ARG B 42 5.24 8.29 -9.33
CA ARG B 42 5.80 7.08 -9.96
C ARG B 42 6.62 6.25 -8.97
N ALA B 43 7.44 6.93 -8.17
CA ALA B 43 8.19 6.27 -7.10
C ALA B 43 7.24 5.69 -6.05
N TRP B 44 6.27 6.51 -5.61
CA TRP B 44 5.06 6.05 -4.93
C TRP B 44 4.42 4.79 -5.51
N ILE B 45 4.15 4.76 -6.82
CA ILE B 45 3.84 3.50 -7.51
C ILE B 45 4.77 2.28 -7.38
N ALA B 46 6.01 2.48 -7.82
CA ALA B 46 7.05 1.43 -7.81
C ALA B 46 7.15 0.94 -6.37
N GLU B 47 7.20 1.94 -5.51
CA GLU B 47 7.12 1.76 -4.06
C GLU B 47 5.90 0.95 -3.71
N ARG B 48 4.73 1.30 -4.24
CA ARG B 48 3.56 0.44 -4.14
C ARG B 48 3.70 -0.91 -4.83
N ARG B 49 4.39 -0.92 -5.97
CA ARG B 49 4.82 -2.16 -6.64
C ARG B 49 5.76 -3.09 -5.89
N ASP B 50 6.88 -2.58 -5.37
CA ASP B 50 7.86 -3.36 -4.62
C ASP B 50 7.16 -3.72 -3.33
N ALA B 51 6.37 -2.78 -2.84
CA ALA B 51 5.63 -3.16 -1.65
C ALA B 51 4.74 -4.25 -2.26
N ASN B 52 4.44 -4.13 -3.57
CA ASN B 52 3.57 -5.12 -4.22
C ASN B 52 4.29 -6.47 -4.31
N VAL B 53 3.67 -7.43 -3.64
CA VAL B 53 4.29 -8.74 -3.61
C VAL B 53 3.89 -9.64 -4.78
N PHE B 54 2.67 -9.42 -5.26
CA PHE B 54 1.98 -10.41 -6.11
C PHE B 54 2.58 -10.49 -7.49
N HIS B 55 2.67 -11.72 -8.00
CA HIS B 55 3.00 -11.94 -9.39
C HIS B 55 2.14 -13.08 -9.94
N VAL B 56 2.19 -13.23 -11.25
CA VAL B 56 1.17 -13.93 -12.01
C VAL B 56 1.94 -14.87 -12.93
N GLU B 57 1.47 -16.11 -13.01
CA GLU B 57 2.07 -17.16 -13.83
C GLU B 57 1.00 -17.83 -14.66
N ARG B 58 1.27 -18.05 -15.94
CA ARG B 58 0.35 -18.83 -16.78
C ARG B 58 0.24 -20.31 -16.39
N ILE B 59 -0.97 -20.85 -16.31
CA ILE B 59 -1.24 -22.23 -15.91
C ILE B 59 -2.12 -22.91 -16.95
N PRO B 60 -2.06 -24.26 -17.02
CA PRO B 60 -3.05 -24.94 -17.84
C PRO B 60 -4.43 -24.79 -17.25
N PHE B 61 -5.46 -24.90 -18.08
CA PHE B 61 -6.82 -24.79 -17.57
C PHE B 61 -7.05 -25.82 -16.46
N ALA B 62 -6.45 -27.01 -16.59
CA ALA B 62 -6.69 -28.07 -15.61
C ALA B 62 -6.27 -27.64 -14.21
N ASP B 63 -5.38 -26.66 -14.11
CA ASP B 63 -4.83 -26.18 -12.85
C ASP B 63 -5.60 -25.02 -12.20
N LEU B 64 -6.61 -24.51 -12.88
CA LEU B 64 -7.55 -23.59 -12.23
C LEU B 64 -8.13 -24.28 -11.01
N ASP B 65 -8.27 -23.54 -9.92
CA ASP B 65 -8.82 -24.11 -8.70
C ASP B 65 -10.37 -24.09 -8.67
N GLN B 66 -11.04 -22.99 -8.38
CA GLN B 66 -12.48 -23.11 -8.28
C GLN B 66 -13.20 -22.71 -9.58
N TRP B 67 -12.53 -22.80 -10.72
CA TRP B 67 -13.19 -22.59 -12.02
C TRP B 67 -13.25 -23.92 -12.76
N TRP B 68 -14.29 -24.07 -13.58
CA TRP B 68 -14.39 -25.28 -14.37
C TRP B 68 -15.17 -24.98 -15.64
N PHE B 69 -15.05 -25.88 -16.61
CA PHE B 69 -15.92 -25.87 -17.78
C PHE B 69 -17.18 -26.67 -17.49
N GLU B 70 -18.27 -25.95 -17.30
CA GLU B 70 -19.48 -26.57 -16.75
C GLU B 70 -20.04 -27.57 -17.77
N GLY B 71 -20.70 -28.65 -17.32
CA GLY B 71 -20.77 -29.77 -18.25
C GLY B 71 -21.63 -29.68 -19.51
N VAL B 72 -22.82 -29.11 -19.41
CA VAL B 72 -23.71 -28.98 -20.56
C VAL B 72 -23.26 -27.90 -21.56
N THR B 73 -22.89 -26.72 -21.06
CA THR B 73 -22.53 -25.63 -22.00
C THR B 73 -21.03 -25.59 -22.33
N GLY B 74 -20.18 -26.13 -21.46
CA GLY B 74 -18.74 -25.96 -21.64
C GLY B 74 -18.37 -24.52 -21.30
N ASN B 75 -19.30 -23.76 -20.71
CA ASN B 75 -18.88 -22.42 -20.30
C ASN B 75 -17.88 -22.46 -19.14
N LEU B 76 -16.96 -21.49 -19.17
CA LEU B 76 -15.96 -21.42 -18.11
C LEU B 76 -16.49 -20.57 -16.97
N VAL B 77 -16.71 -21.18 -15.81
CA VAL B 77 -17.45 -20.53 -14.74
C VAL B 77 -16.78 -20.78 -13.39
N HIS B 78 -17.01 -19.89 -12.43
CA HIS B 78 -16.48 -20.08 -11.07
C HIS B 78 -17.54 -20.88 -10.31
N ARG B 79 -17.06 -21.89 -9.58
CA ARG B 79 -18.03 -22.74 -8.87
C ARG B 79 -18.93 -22.01 -7.87
N SER B 80 -18.49 -20.87 -7.34
CA SER B 80 -19.33 -20.10 -6.45
C SER B 80 -20.45 -19.32 -7.16
N GLY B 81 -20.35 -19.19 -8.48
CA GLY B 81 -21.30 -18.35 -9.21
C GLY B 81 -20.93 -16.88 -9.21
N ARG B 82 -19.85 -16.51 -8.54
CA ARG B 82 -19.45 -15.11 -8.63
C ARG B 82 -18.43 -14.81 -9.74
N PHE B 83 -18.06 -13.55 -9.88
CA PHE B 83 -17.08 -13.08 -10.86
C PHE B 83 -17.80 -13.24 -12.20
N PHE B 84 -17.07 -13.62 -13.24
CA PHE B 84 -17.58 -13.56 -14.58
C PHE B 84 -17.62 -14.97 -15.14
N THR B 85 -18.14 -15.11 -16.36
CA THR B 85 -18.11 -16.39 -17.07
C THR B 85 -17.55 -16.13 -18.46
N ILE B 86 -16.94 -17.14 -19.07
CA ILE B 86 -16.67 -17.12 -20.50
C ILE B 86 -17.64 -18.06 -21.20
N GLU B 87 -18.42 -17.52 -22.13
CA GLU B 87 -19.46 -18.22 -22.88
C GLU B 87 -19.23 -18.00 -24.37
N GLY B 88 -20.19 -18.34 -25.23
CA GLY B 88 -20.04 -18.15 -26.66
C GLY B 88 -20.95 -17.05 -27.14
N LEU B 89 -20.62 -16.50 -28.31
CA LEU B 89 -21.42 -15.46 -28.91
C LEU B 89 -21.43 -15.78 -30.40
N HIS B 90 -22.61 -15.65 -31.00
CA HIS B 90 -22.73 -15.69 -32.43
C HIS B 90 -23.28 -14.35 -32.97
N VAL B 91 -22.60 -13.73 -33.93
CA VAL B 91 -23.05 -12.44 -34.45
C VAL B 91 -23.33 -12.55 -35.94
N ILE B 92 -24.44 -12.01 -36.45
CA ILE B 92 -24.63 -11.80 -37.88
C ILE B 92 -24.97 -10.32 -38.06
N GLU B 93 -24.25 -9.65 -38.95
CA GLU B 93 -24.83 -8.38 -39.45
C GLU B 93 -25.36 -8.64 -40.86
N HIS B 94 -26.66 -8.47 -41.08
CA HIS B 94 -27.20 -8.62 -42.42
C HIS B 94 -27.05 -7.42 -43.34
N ASP B 95 -26.90 -7.73 -44.63
CA ASP B 95 -26.86 -6.71 -45.66
C ASP B 95 -28.05 -7.12 -46.50
N GLY B 96 -29.22 -6.56 -46.22
CA GLY B 96 -30.34 -7.34 -46.70
C GLY B 96 -31.45 -6.32 -46.78
N PRO B 97 -32.71 -6.79 -46.69
CA PRO B 97 -33.84 -5.91 -46.95
C PRO B 97 -33.88 -4.83 -45.88
N HIS B 98 -33.33 -5.08 -44.70
CA HIS B 98 -33.36 -3.95 -43.78
C HIS B 98 -32.13 -3.73 -42.92
N GLY B 99 -30.95 -4.05 -43.43
CA GLY B 99 -29.78 -3.38 -42.89
C GLY B 99 -28.86 -3.03 -44.04
N ASP B 100 -28.03 -2.02 -43.80
CA ASP B 100 -27.10 -1.53 -44.81
C ASP B 100 -25.96 -2.51 -45.07
N GLY B 101 -25.65 -3.39 -44.13
CA GLY B 101 -24.49 -4.26 -44.28
C GLY B 101 -23.24 -3.42 -44.14
N PRO B 102 -22.09 -3.93 -44.63
CA PRO B 102 -21.87 -5.23 -45.29
C PRO B 102 -22.25 -6.44 -44.42
N TYR B 103 -22.55 -7.59 -45.04
CA TYR B 103 -22.69 -8.85 -44.32
C TYR B 103 -21.44 -9.26 -43.55
N ARG B 104 -21.63 -9.67 -42.30
CA ARG B 104 -20.57 -10.23 -41.46
C ARG B 104 -21.20 -11.38 -40.66
N GLU B 105 -20.45 -12.45 -40.41
CA GLU B 105 -20.92 -13.52 -39.50
C GLU B 105 -19.76 -14.19 -38.81
N TRP B 106 -19.82 -14.35 -37.49
CA TRP B 106 -18.79 -15.08 -36.76
C TRP B 106 -19.25 -15.60 -35.41
N GLN B 107 -18.46 -16.47 -34.80
CA GLN B 107 -18.69 -16.93 -33.45
C GLN B 107 -17.40 -16.74 -32.68
N GLN B 108 -17.50 -16.50 -31.36
CA GLN B 108 -16.38 -16.17 -30.51
C GLN B 108 -16.67 -16.44 -29.05
N PRO B 109 -15.62 -16.71 -28.26
CA PRO B 109 -15.86 -16.66 -26.82
C PRO B 109 -16.16 -15.19 -26.46
N VAL B 110 -16.82 -15.06 -25.32
CA VAL B 110 -17.15 -13.69 -24.84
C VAL B 110 -17.21 -13.75 -23.32
N ILE B 111 -16.84 -12.64 -22.68
CA ILE B 111 -16.92 -12.56 -21.21
C ILE B 111 -18.29 -12.00 -20.87
N ARG B 112 -18.90 -12.62 -19.88
CA ARG B 112 -20.25 -12.22 -19.46
C ARG B 112 -20.28 -11.95 -17.95
N GLN B 113 -20.92 -10.86 -17.50
CA GLN B 113 -21.00 -10.64 -16.05
C GLN B 113 -22.19 -9.69 -15.85
N PRO B 114 -23.36 -10.25 -15.56
CA PRO B 114 -24.58 -9.45 -15.64
C PRO B 114 -24.66 -8.36 -14.56
N GLU B 115 -24.00 -8.50 -13.40
CA GLU B 115 -24.10 -7.51 -12.33
C GLU B 115 -23.38 -6.20 -12.64
N VAL B 116 -24.07 -5.07 -12.47
CA VAL B 116 -23.43 -3.74 -12.63
C VAL B 116 -22.49 -3.49 -11.45
N GLY B 117 -21.24 -3.14 -11.76
CA GLY B 117 -20.17 -2.85 -10.79
C GLY B 117 -20.08 -1.34 -10.57
N ILE B 118 -19.38 -0.99 -9.51
CA ILE B 118 -19.13 0.42 -9.16
C ILE B 118 -17.71 0.76 -9.53
N LEU B 119 -17.59 1.87 -10.27
CA LEU B 119 -16.32 2.51 -10.52
C LEU B 119 -16.50 3.91 -9.94
N GLY B 120 -15.98 4.12 -8.73
CA GLY B 120 -16.31 5.40 -8.06
C GLY B 120 -15.08 6.17 -7.63
N ILE B 121 -15.06 7.47 -7.93
CA ILE B 121 -13.99 8.31 -7.48
C ILE B 121 -14.52 9.30 -6.47
N LEU B 122 -13.88 9.36 -5.29
CA LEU B 122 -14.36 10.24 -4.21
C LEU B 122 -13.58 11.54 -4.39
N ALA B 123 -14.26 12.68 -4.24
CA ALA B 123 -13.61 13.99 -4.39
C ALA B 123 -13.74 14.71 -3.05
N LYS B 124 -12.77 15.57 -2.76
CA LYS B 124 -12.79 16.31 -1.49
C LYS B 124 -11.97 17.56 -1.71
N GLU B 125 -12.43 18.68 -1.15
CA GLU B 125 -11.67 19.92 -1.22
C GLU B 125 -10.61 20.00 -0.13
N PHE B 126 -9.41 20.39 -0.53
CA PHE B 126 -8.31 20.65 0.39
C PHE B 126 -7.75 21.99 -0.03
N ASP B 127 -7.73 22.94 0.92
CA ASP B 127 -7.26 24.31 0.71
C ASP B 127 -7.98 24.97 -0.46
N GLY B 128 -9.29 24.78 -0.55
CA GLY B 128 -10.08 25.35 -1.63
C GLY B 128 -10.01 24.69 -3.00
N VAL B 129 -9.34 23.54 -3.15
CA VAL B 129 -9.24 22.93 -4.49
C VAL B 129 -9.68 21.46 -4.43
N LEU B 130 -10.51 21.04 -5.37
CA LEU B 130 -10.98 19.65 -5.33
C LEU B 130 -9.81 18.73 -5.62
N HIS B 131 -9.70 17.70 -4.78
CA HIS B 131 -8.86 16.54 -5.09
C HIS B 131 -9.69 15.26 -5.26
N PHE B 132 -9.07 14.23 -5.86
CA PHE B 132 -9.71 12.95 -6.16
C PHE B 132 -8.87 11.83 -5.61
N LEU B 133 -9.45 10.83 -4.96
CA LEU B 133 -8.73 9.87 -4.13
C LEU B 133 -8.44 8.65 -5.00
N MET B 134 -7.25 8.64 -5.59
CA MET B 134 -6.88 7.56 -6.51
C MET B 134 -6.26 6.38 -5.79
N GLN B 135 -6.48 5.17 -6.29
CA GLN B 135 -6.03 4.00 -5.52
C GLN B 135 -4.90 3.29 -6.28
N ALA B 136 -3.75 3.00 -5.68
CA ALA B 136 -2.75 2.22 -6.39
C ALA B 136 -3.22 0.77 -6.23
N LYS B 137 -3.60 0.14 -7.34
CA LYS B 137 -4.31 -1.13 -7.29
C LYS B 137 -3.57 -2.18 -8.11
N MET B 138 -3.26 -3.30 -7.47
CA MET B 138 -2.72 -4.44 -8.23
C MET B 138 -3.83 -5.20 -8.95
N GLU B 139 -3.61 -5.55 -10.21
CA GLU B 139 -4.55 -6.38 -10.96
C GLU B 139 -3.68 -7.33 -11.75
N PRO B 140 -4.07 -8.61 -11.78
CA PRO B 140 -3.19 -9.64 -12.35
C PRO B 140 -2.86 -9.41 -13.82
N GLY B 141 -3.72 -8.74 -14.60
CA GLY B 141 -3.41 -8.55 -16.00
C GLY B 141 -2.71 -7.24 -16.29
N ASN B 142 -2.53 -6.38 -15.27
CA ASN B 142 -1.80 -5.13 -15.52
C ASN B 142 -0.37 -5.47 -15.94
N PRO B 143 0.10 -4.90 -17.05
CA PRO B 143 1.36 -5.44 -17.57
C PRO B 143 2.49 -5.03 -16.61
N ASN B 144 2.29 -3.91 -15.90
CA ASN B 144 3.19 -3.50 -14.82
C ASN B 144 2.63 -3.65 -13.40
N LEU B 145 1.62 -4.51 -13.27
CA LEU B 145 1.04 -4.97 -12.02
C LEU B 145 0.18 -3.92 -11.30
N VAL B 146 0.71 -2.75 -11.01
CA VAL B 146 -0.01 -1.74 -10.20
C VAL B 146 -0.24 -0.51 -11.09
N GLN B 147 -1.51 -0.09 -11.18
CA GLN B 147 -1.87 1.15 -11.85
C GLN B 147 -2.84 1.90 -10.93
N LEU B 148 -3.19 3.13 -11.31
CA LEU B 148 -4.13 3.86 -10.46
C LEU B 148 -5.59 3.72 -10.88
N SER B 149 -6.40 3.23 -9.94
CA SER B 149 -7.79 2.87 -10.20
C SER B 149 -8.69 3.85 -9.43
N PRO B 150 -9.99 3.78 -9.70
CA PRO B 150 -10.88 4.64 -8.90
C PRO B 150 -10.79 4.30 -7.41
N THR B 151 -11.25 5.25 -6.59
CA THR B 151 -11.29 5.01 -5.14
C THR B 151 -11.94 3.69 -4.81
N VAL B 152 -13.05 3.39 -5.47
CA VAL B 152 -13.81 2.15 -5.33
C VAL B 152 -13.94 1.50 -6.70
N GLN B 153 -13.55 0.23 -6.76
CA GLN B 153 -13.68 -0.45 -8.05
C GLN B 153 -14.04 -1.87 -7.69
N ALA B 154 -15.34 -2.13 -7.72
CA ALA B 154 -15.85 -3.37 -7.12
C ALA B 154 -17.22 -3.73 -7.63
N THR B 155 -17.43 -5.01 -7.91
CA THR B 155 -18.77 -5.57 -8.09
C THR B 155 -19.16 -6.18 -6.74
N ARG B 156 -20.25 -5.68 -6.18
CA ARG B 156 -20.50 -5.85 -4.74
C ARG B 156 -20.58 -7.33 -4.34
N SER B 157 -21.20 -8.15 -5.17
CA SER B 157 -21.47 -9.51 -4.72
C SER B 157 -20.23 -10.41 -4.81
N ASN B 158 -19.19 -9.98 -5.51
CA ASN B 158 -17.85 -10.57 -5.53
C ASN B 158 -17.15 -10.54 -4.17
N TYR B 159 -17.80 -9.96 -3.15
CA TYR B 159 -17.20 -9.80 -1.83
C TYR B 159 -18.06 -10.40 -0.70
N ASN B 167 -14.72 -6.71 2.96
CA ASN B 167 -15.19 -5.32 2.96
C ASN B 167 -14.46 -4.42 1.96
N VAL B 168 -15.19 -3.69 1.14
CA VAL B 168 -14.49 -2.80 0.22
C VAL B 168 -14.40 -1.42 0.84
N LYS B 169 -13.20 -0.87 0.97
CA LYS B 169 -12.99 0.41 1.61
C LYS B 169 -13.76 1.52 0.89
N LEU B 170 -14.47 2.37 1.65
CA LEU B 170 -15.13 3.57 1.12
C LEU B 170 -16.35 3.29 0.25
N ILE B 171 -16.78 2.04 0.12
CA ILE B 171 -17.90 1.75 -0.80
C ILE B 171 -19.20 2.40 -0.31
N GLU B 172 -19.25 2.67 0.98
CA GLU B 172 -20.37 3.38 1.59
C GLU B 172 -20.65 4.72 0.93
N TYR B 173 -19.64 5.36 0.34
CA TYR B 173 -19.90 6.69 -0.24
C TYR B 173 -20.59 6.57 -1.62
N PHE B 174 -20.73 5.34 -2.12
CA PHE B 174 -21.27 5.03 -3.47
C PHE B 174 -22.50 4.16 -3.48
N ALA B 175 -22.98 3.87 -2.27
CA ALA B 175 -23.93 2.78 -2.16
C ALA B 175 -24.88 2.95 -0.98
N PRO B 176 -25.79 3.93 -1.08
CA PRO B 176 -26.05 4.83 -2.21
C PRO B 176 -25.19 6.07 -2.04
N PRO B 177 -24.89 6.83 -3.12
CA PRO B 177 -24.20 8.09 -2.97
C PRO B 177 -25.11 9.13 -2.30
N ASP B 178 -24.56 10.08 -1.55
CA ASP B 178 -25.36 11.22 -1.11
C ASP B 178 -25.86 12.02 -2.34
N PRO B 179 -27.20 12.17 -2.56
CA PRO B 179 -27.69 12.93 -3.71
C PRO B 179 -27.25 14.38 -3.73
N GLU B 180 -26.88 14.92 -2.57
CA GLU B 180 -26.42 16.31 -2.54
C GLU B 180 -24.96 16.43 -2.96
N ARG B 181 -24.29 15.31 -3.27
CA ARG B 181 -22.86 15.43 -3.54
C ARG B 181 -22.48 14.70 -4.81
N VAL B 182 -23.46 14.43 -5.68
CA VAL B 182 -23.10 13.66 -6.89
C VAL B 182 -22.62 14.64 -7.97
N ILE B 183 -21.43 14.34 -8.50
CA ILE B 183 -20.91 15.12 -9.63
C ILE B 183 -21.20 14.35 -10.92
N VAL B 184 -20.93 13.04 -10.93
CA VAL B 184 -21.15 12.13 -12.07
C VAL B 184 -21.81 10.86 -11.56
N ASP B 185 -22.86 10.39 -12.23
CA ASP B 185 -23.35 9.04 -11.93
C ASP B 185 -24.09 8.56 -13.21
N VAL B 186 -23.50 7.57 -13.88
CA VAL B 186 -23.99 7.16 -15.20
C VAL B 186 -23.53 5.74 -15.51
N LEU B 187 -24.33 4.97 -16.25
CA LEU B 187 -23.84 3.65 -16.66
C LEU B 187 -23.11 3.80 -17.99
N GLN B 188 -21.93 3.18 -18.10
CA GLN B 188 -21.22 3.25 -19.39
C GLN B 188 -20.73 1.86 -19.79
N ALA B 189 -20.80 1.63 -21.09
CA ALA B 189 -20.45 0.28 -21.57
C ALA B 189 -18.94 0.03 -21.67
N GLU B 190 -18.58 -1.24 -21.54
CA GLU B 190 -17.18 -1.59 -21.80
C GLU B 190 -16.99 -2.32 -23.13
N GLN B 191 -15.81 -2.85 -23.38
CA GLN B 191 -15.46 -3.33 -24.71
C GLN B 191 -16.51 -4.18 -25.38
N GLY B 192 -16.94 -3.71 -26.54
CA GLY B 192 -17.93 -4.42 -27.35
C GLY B 192 -17.42 -5.68 -28.03
N SER B 193 -16.11 -5.82 -28.12
CA SER B 193 -15.55 -6.93 -28.84
C SER B 193 -15.47 -8.12 -27.89
N TRP B 194 -15.24 -7.93 -26.60
CA TRP B 194 -14.84 -8.99 -25.67
C TRP B 194 -15.86 -9.20 -24.55
N PHE B 195 -16.71 -8.21 -24.28
CA PHE B 195 -17.71 -8.40 -23.23
C PHE B 195 -19.12 -8.38 -23.80
N PHE B 196 -20.00 -9.17 -23.20
CA PHE B 196 -21.35 -9.25 -23.72
C PHE B 196 -22.21 -8.25 -22.92
N ARG B 197 -22.48 -7.12 -23.58
CA ARG B 197 -23.44 -6.18 -22.99
C ARG B 197 -23.13 -5.75 -21.58
N LYS B 198 -21.88 -5.40 -21.30
CA LYS B 198 -21.42 -5.11 -19.93
C LYS B 198 -21.39 -3.57 -19.79
N SER B 199 -22.03 -3.04 -18.76
CA SER B 199 -21.79 -1.63 -18.38
C SER B 199 -21.53 -1.58 -16.88
N ASN B 200 -20.81 -0.53 -16.45
CA ASN B 200 -20.55 -0.35 -15.04
C ASN B 200 -21.02 1.07 -14.69
N ARG B 201 -21.24 1.27 -13.40
CA ARG B 201 -21.77 2.55 -12.89
C ARG B 201 -20.53 3.39 -12.61
N ASN B 202 -20.34 4.44 -13.43
CA ASN B 202 -19.25 5.40 -13.24
C ASN B 202 -19.72 6.56 -12.38
N MET B 203 -19.03 6.82 -11.26
CA MET B 203 -19.54 7.76 -10.25
C MET B 203 -18.38 8.67 -9.77
N ILE B 204 -18.70 9.94 -9.57
CA ILE B 204 -17.75 10.83 -8.89
C ILE B 204 -18.63 11.52 -7.84
N VAL B 205 -18.23 11.47 -6.57
CA VAL B 205 -19.12 12.00 -5.52
C VAL B 205 -18.19 12.75 -4.57
N GLU B 206 -18.62 13.94 -4.18
CA GLU B 206 -17.87 14.71 -3.16
C GLU B 206 -18.17 14.32 -1.72
N THR B 207 -17.16 14.43 -0.85
CA THR B 207 -17.50 14.37 0.58
C THR B 207 -16.78 15.52 1.30
N VAL B 208 -17.23 15.93 2.49
CA VAL B 208 -16.46 16.88 3.29
C VAL B 208 -15.88 16.14 4.51
N ASP B 209 -16.13 14.85 4.55
CA ASP B 209 -15.64 13.98 5.65
C ASP B 209 -14.13 13.92 5.72
N ASP B 210 -13.57 13.76 6.93
CA ASP B 210 -12.12 13.54 7.10
C ASP B 210 -11.86 12.05 6.86
N VAL B 211 -11.62 11.67 5.60
CA VAL B 211 -11.53 10.29 5.14
C VAL B 211 -10.22 9.63 5.63
N PRO B 212 -10.22 8.35 5.99
CA PRO B 212 -8.87 7.85 6.19
C PRO B 212 -8.00 7.78 4.93
N LEU B 213 -6.71 7.62 5.18
CA LEU B 213 -5.75 7.61 4.10
C LEU B 213 -4.84 6.45 4.52
N TRP B 214 -5.03 5.34 3.82
CA TRP B 214 -4.21 4.15 3.97
C TRP B 214 -3.17 4.23 2.84
N ASP B 215 -2.21 3.31 2.87
CA ASP B 215 -1.02 3.52 2.07
C ASP B 215 -1.22 3.39 0.57
N ASP B 216 -2.31 2.74 0.16
CA ASP B 216 -2.58 2.52 -1.27
C ASP B 216 -3.43 3.62 -1.92
N PHE B 217 -3.63 4.76 -1.25
CA PHE B 217 -4.53 5.82 -1.70
C PHE B 217 -3.85 7.17 -1.67
N CYS B 218 -4.10 8.02 -2.66
CA CYS B 218 -3.47 9.32 -2.72
C CYS B 218 -4.43 10.33 -3.32
N TRP B 219 -4.56 11.45 -2.63
CA TRP B 219 -5.34 12.58 -3.15
C TRP B 219 -4.62 13.35 -4.26
N LEU B 220 -5.23 13.56 -5.43
CA LEU B 220 -4.52 14.28 -6.51
C LEU B 220 -5.50 15.29 -7.07
N THR B 221 -5.07 16.50 -7.48
CA THR B 221 -5.93 17.39 -8.22
C THR B 221 -6.16 16.86 -9.62
N LEU B 222 -7.14 17.42 -10.30
CA LEU B 222 -7.38 16.98 -11.68
C LEU B 222 -6.17 17.37 -12.56
N GLY B 223 -5.51 18.48 -12.24
CA GLY B 223 -4.32 18.88 -13.01
C GLY B 223 -3.22 17.85 -12.86
N GLN B 224 -3.08 17.26 -11.69
CA GLN B 224 -2.06 16.26 -11.45
C GLN B 224 -2.47 14.97 -12.19
N ILE B 225 -3.76 14.64 -12.15
CA ILE B 225 -4.25 13.50 -12.94
C ILE B 225 -4.03 13.77 -14.42
N ALA B 226 -4.24 14.99 -14.91
CA ALA B 226 -3.99 15.30 -16.32
C ALA B 226 -2.50 15.06 -16.65
N GLU B 227 -1.55 15.45 -15.79
CA GLU B 227 -0.14 15.18 -16.10
C GLU B 227 0.07 13.67 -16.17
N LEU B 228 -0.50 12.93 -15.23
CA LEU B 228 -0.26 11.49 -15.15
C LEU B 228 -0.93 10.76 -16.31
N MET B 229 -1.96 11.37 -16.89
CA MET B 229 -2.66 10.77 -18.03
CA MET B 229 -2.66 10.76 -18.04
C MET B 229 -1.80 10.70 -19.28
N HIS B 230 -0.72 11.48 -19.25
CA HIS B 230 0.21 11.47 -20.39
C HIS B 230 1.23 10.34 -20.29
N GLU B 231 1.30 9.68 -19.14
CA GLU B 231 2.26 8.61 -18.91
C GLU B 231 1.72 7.27 -19.39
N ASP B 232 2.60 6.40 -19.92
CA ASP B 232 2.12 5.05 -20.20
C ASP B 232 1.66 4.28 -18.97
N GLU B 233 0.57 3.53 -19.12
CA GLU B 233 0.25 2.46 -18.16
C GLU B 233 0.29 2.95 -16.72
N THR B 234 -0.38 4.08 -16.51
CA THR B 234 -0.43 4.69 -15.19
C THR B 234 -1.84 4.92 -14.65
N ILE B 235 -2.63 5.68 -15.39
CA ILE B 235 -4.02 5.85 -14.97
C ILE B 235 -4.81 4.73 -15.65
N ASN B 236 -5.46 3.88 -14.86
CA ASN B 236 -5.98 2.63 -15.40
C ASN B 236 -7.29 2.83 -16.15
N MET B 237 -7.74 1.81 -16.87
CA MET B 237 -8.86 1.95 -17.83
C MET B 237 -10.14 2.44 -17.12
N ASN B 238 -10.40 1.89 -15.95
CA ASN B 238 -11.59 2.33 -15.20
C ASN B 238 -11.54 3.77 -14.75
N SER B 239 -10.38 4.24 -14.34
CA SER B 239 -10.20 5.65 -13.97
C SER B 239 -10.39 6.46 -15.23
N ARG B 240 -9.75 6.11 -16.35
CA ARG B 240 -10.00 6.89 -17.57
C ARG B 240 -11.48 7.02 -17.92
N SER B 241 -12.20 5.90 -17.79
CA SER B 241 -13.63 5.95 -18.12
C SER B 241 -14.36 6.92 -17.19
N VAL B 242 -14.13 6.84 -15.87
CA VAL B 242 -14.91 7.69 -14.97
C VAL B 242 -14.48 9.14 -15.22
N LEU B 243 -13.18 9.42 -15.42
CA LEU B 243 -12.73 10.82 -15.59
C LEU B 243 -13.29 11.41 -16.90
N SER B 244 -13.53 10.58 -17.91
CA SER B 244 -14.08 11.07 -19.19
C SER B 244 -15.48 11.67 -19.01
N CYS B 245 -16.12 11.30 -17.89
CA CYS B 245 -17.49 11.70 -17.65
C CYS B 245 -17.57 13.08 -16.99
N LEU B 246 -16.43 13.67 -16.67
CA LEU B 246 -16.45 14.94 -15.91
C LEU B 246 -17.09 16.05 -16.76
N PRO B 247 -18.05 16.80 -16.17
CA PRO B 247 -18.78 17.75 -17.00
C PRO B 247 -18.15 19.13 -16.97
N TYR B 248 -17.08 19.28 -17.74
CA TYR B 248 -16.58 20.64 -18.01
C TYR B 248 -17.51 21.61 -18.71
N GLN B 249 -17.32 22.93 -18.58
CA GLN B 249 -18.13 23.85 -19.39
C GLN B 249 -17.63 24.03 -20.79
N ASP B 250 -18.39 24.04 -21.91
CA ASP B 250 -17.79 24.25 -23.24
C ASP B 250 -17.26 25.68 -23.42
N ILE B 251 -15.98 25.86 -23.72
CA ILE B 251 -15.33 27.15 -23.99
C ILE B 251 -15.63 27.70 -25.40
N THR B 252 -16.03 26.85 -26.33
CA THR B 252 -16.35 27.21 -27.75
C THR B 252 -17.63 26.50 -28.21
N PRO B 253 -18.81 27.02 -27.85
CA PRO B 253 -20.08 26.29 -28.02
C PRO B 253 -20.65 26.34 -29.44
N ARG B 254 -19.82 25.97 -30.41
CA ARG B 254 -20.27 25.90 -31.81
C ARG B 254 -19.79 24.52 -32.27
N ALA B 255 -20.40 24.00 -33.32
CA ALA B 255 -19.94 22.71 -33.84
C ALA B 255 -20.51 22.54 -35.24
N LEU B 256 -19.95 21.59 -35.99
CA LEU B 256 -20.39 21.40 -37.38
C LEU B 256 -21.85 20.93 -37.36
N PHE B 257 -22.14 20.01 -36.44
CA PHE B 257 -23.50 19.57 -36.14
C PHE B 257 -24.04 20.27 -34.90
N SER B 258 -25.21 20.86 -35.01
CA SER B 258 -25.85 21.25 -33.75
C SER B 258 -26.08 20.00 -32.89
N ASP B 259 -26.36 20.20 -31.60
CA ASP B 259 -26.54 18.98 -30.79
C ASP B 259 -27.74 18.18 -31.29
N VAL B 260 -28.84 18.79 -31.73
CA VAL B 260 -29.94 18.00 -32.30
C VAL B 260 -29.52 17.33 -33.62
N GLN B 261 -28.78 18.00 -34.50
CA GLN B 261 -28.30 17.32 -35.69
C GLN B 261 -27.39 16.13 -35.36
N LEU B 262 -26.61 16.21 -34.27
CA LEU B 262 -25.77 15.07 -33.94
C LEU B 262 -26.65 13.92 -33.48
N LEU B 263 -27.64 14.22 -32.63
CA LEU B 263 -28.49 13.12 -32.20
C LEU B 263 -29.25 12.50 -33.38
N SER B 264 -29.63 13.37 -34.32
CA SER B 264 -30.31 12.84 -35.53
C SER B 264 -29.36 11.89 -36.32
N TRP B 265 -28.13 12.35 -36.51
CA TRP B 265 -27.17 11.55 -37.26
C TRP B 265 -26.97 10.22 -36.57
N PHE B 266 -26.85 10.26 -35.24
CA PHE B 266 -26.53 9.02 -34.55
C PHE B 266 -27.77 8.13 -34.52
N THR B 267 -28.95 8.71 -34.49
CA THR B 267 -30.20 7.96 -34.58
C THR B 267 -30.24 7.19 -35.90
N ASN B 268 -29.89 7.85 -37.01
CA ASN B 268 -29.93 7.10 -38.28
C ASN B 268 -28.84 6.02 -38.26
N GLU B 269 -27.67 6.25 -37.67
CA GLU B 269 -26.65 5.20 -37.57
C GLU B 269 -27.17 3.98 -36.80
N ARG B 270 -27.86 4.27 -35.70
CA ARG B 270 -28.41 3.19 -34.88
C ARG B 270 -29.54 2.45 -35.57
N SER B 271 -30.22 3.06 -36.53
CA SER B 271 -31.41 2.52 -37.20
C SER B 271 -31.07 1.73 -38.47
N ARG B 272 -29.90 1.96 -39.03
CA ARG B 272 -29.70 1.56 -40.41
C ARG B 272 -28.97 0.23 -40.55
N HIS B 273 -28.55 -0.38 -39.44
CA HIS B 273 -27.89 -1.67 -39.47
C HIS B 273 -28.87 -2.78 -39.06
N ASP B 274 -28.62 -4.00 -39.54
CA ASP B 274 -29.44 -5.07 -38.99
C ASP B 274 -28.49 -6.08 -38.37
N VAL B 275 -28.32 -5.98 -37.05
CA VAL B 275 -27.38 -6.87 -36.36
C VAL B 275 -28.17 -7.85 -35.49
N ARG B 276 -27.84 -9.15 -35.53
CA ARG B 276 -28.58 -10.10 -34.70
C ARG B 276 -27.53 -10.92 -33.95
N VAL B 277 -27.63 -10.92 -32.64
CA VAL B 277 -26.61 -11.55 -31.81
C VAL B 277 -27.30 -12.60 -30.96
N ARG B 278 -26.62 -13.70 -30.70
CA ARG B 278 -27.17 -14.60 -29.68
C ARG B 278 -26.01 -15.14 -28.84
N ARG B 279 -26.26 -15.31 -27.55
CA ARG B 279 -25.33 -15.99 -26.67
C ARG B 279 -25.48 -17.50 -26.92
N ILE B 280 -24.34 -18.20 -27.01
CA ILE B 280 -24.44 -19.65 -27.21
C ILE B 280 -23.48 -20.31 -26.21
N PRO B 281 -23.57 -21.65 -26.03
CA PRO B 281 -22.56 -22.29 -25.20
C PRO B 281 -21.15 -22.15 -25.79
N LEU B 282 -20.15 -22.04 -24.91
CA LEU B 282 -18.76 -21.91 -25.30
C LEU B 282 -18.40 -23.16 -26.12
N ALA B 283 -19.01 -24.29 -25.74
CA ALA B 283 -18.67 -25.56 -26.41
C ALA B 283 -19.10 -25.56 -27.88
N ASP B 284 -20.04 -24.70 -28.23
CA ASP B 284 -20.61 -24.72 -29.58
C ASP B 284 -19.91 -23.72 -30.51
N VAL B 285 -18.98 -22.91 -29.99
CA VAL B 285 -18.31 -21.86 -30.78
C VAL B 285 -17.48 -22.43 -31.94
N CYS B 286 -17.77 -22.07 -33.18
CA CYS B 286 -17.02 -22.56 -34.33
C CYS B 286 -15.89 -21.58 -34.63
N GLY B 287 -14.81 -22.10 -35.19
CA GLY B 287 -13.64 -21.28 -35.53
C GLY B 287 -12.58 -21.06 -34.49
N TRP B 288 -12.80 -21.60 -33.29
CA TRP B 288 -11.92 -21.46 -32.14
C TRP B 288 -11.57 -22.84 -31.60
N LYS B 289 -10.36 -22.97 -31.07
CA LYS B 289 -9.87 -24.29 -30.62
C LYS B 289 -9.57 -24.22 -29.13
N GLN B 290 -10.08 -25.16 -28.33
CA GLN B 290 -9.79 -25.14 -26.91
C GLN B 290 -8.66 -26.15 -26.73
N GLY B 291 -7.51 -25.68 -26.26
CA GLY B 291 -6.38 -26.55 -25.93
C GLY B 291 -6.22 -26.69 -24.43
N ALA B 292 -5.10 -27.26 -24.00
CA ALA B 292 -4.98 -27.47 -22.56
C ALA B 292 -4.63 -26.17 -21.84
N GLU B 293 -4.09 -25.21 -22.58
CA GLU B 293 -3.70 -23.94 -21.98
C GLU B 293 -4.47 -22.70 -22.46
N GLU B 294 -4.88 -22.70 -23.72
CA GLU B 294 -5.55 -21.50 -24.25
C GLU B 294 -6.74 -21.89 -25.11
N ILE B 295 -7.73 -21.00 -25.22
CA ILE B 295 -8.70 -21.07 -26.31
C ILE B 295 -8.33 -19.98 -27.33
N GLU B 296 -8.16 -20.36 -28.60
CA GLU B 296 -7.55 -19.44 -29.53
C GLU B 296 -8.25 -19.58 -30.88
N HIS B 297 -8.19 -18.54 -31.70
CA HIS B 297 -8.86 -18.53 -33.00
C HIS B 297 -8.02 -19.40 -33.95
N GLU B 298 -8.71 -20.17 -34.79
CA GLU B 298 -7.98 -21.10 -35.67
C GLU B 298 -7.02 -20.41 -36.62
N ASP B 299 -7.27 -19.14 -36.96
CA ASP B 299 -6.30 -18.39 -37.74
C ASP B 299 -5.42 -17.37 -37.00
N GLY B 300 -5.38 -17.41 -35.67
CA GLY B 300 -4.37 -16.69 -34.90
C GLY B 300 -4.79 -15.23 -34.71
N ARG B 301 -6.05 -14.90 -34.95
CA ARG B 301 -6.47 -13.50 -34.85
C ARG B 301 -7.21 -13.23 -33.54
N TYR B 302 -7.46 -11.96 -33.23
CA TYR B 302 -8.40 -11.54 -32.18
C TYR B 302 -7.84 -11.54 -30.78
N PHE B 303 -7.96 -12.67 -30.07
CA PHE B 303 -7.58 -12.78 -28.70
C PHE B 303 -7.43 -14.26 -28.32
N LYS B 304 -6.96 -14.53 -27.11
CA LYS B 304 -6.88 -15.91 -26.59
C LYS B 304 -7.45 -15.89 -25.17
N VAL B 305 -8.12 -16.96 -24.77
CA VAL B 305 -8.51 -17.12 -23.38
C VAL B 305 -7.42 -18.00 -22.77
N LEU B 306 -6.98 -17.66 -21.55
CA LEU B 306 -5.90 -18.41 -20.91
C LEU B 306 -6.23 -18.42 -19.43
N ALA B 307 -5.34 -19.03 -18.64
CA ALA B 307 -5.54 -19.10 -17.21
C ALA B 307 -4.26 -18.72 -16.45
N VAL B 308 -4.42 -18.13 -15.27
CA VAL B 308 -3.26 -17.70 -14.48
C VAL B 308 -3.47 -18.02 -13.01
N ALA B 309 -2.35 -18.17 -12.30
CA ALA B 309 -2.33 -18.34 -10.86
C ALA B 309 -1.67 -17.07 -10.37
N VAL B 310 -2.25 -16.52 -9.30
CA VAL B 310 -1.72 -15.28 -8.75
C VAL B 310 -1.14 -15.70 -7.40
N LYS B 311 0.14 -15.39 -7.20
CA LYS B 311 0.78 -15.70 -5.92
C LYS B 311 1.77 -14.63 -5.47
N GLY B 312 2.65 -14.99 -4.53
CA GLY B 312 3.88 -14.27 -4.20
C GLY B 312 3.89 -13.84 -2.75
N ILE B 318 -0.44 -20.00 -3.50
CA ILE B 318 -1.41 -19.42 -4.45
C ILE B 318 -2.62 -18.74 -3.80
N SER B 319 -2.72 -17.43 -4.02
CA SER B 319 -3.90 -16.71 -3.55
C SER B 319 -5.17 -17.00 -4.34
N TRP B 320 -5.14 -16.92 -5.67
CA TRP B 320 -6.26 -17.42 -6.47
C TRP B 320 -5.79 -17.70 -7.89
N THR B 321 -6.67 -18.30 -8.69
CA THR B 321 -6.47 -18.65 -10.08
C THR B 321 -7.67 -18.02 -10.81
N GLN B 322 -7.50 -17.67 -12.08
CA GLN B 322 -8.62 -17.16 -12.86
C GLN B 322 -8.28 -17.15 -14.33
N PRO B 323 -9.30 -17.19 -15.20
CA PRO B 323 -9.10 -16.90 -16.60
C PRO B 323 -8.74 -15.43 -16.82
N LEU B 324 -8.00 -15.19 -17.91
CA LEU B 324 -7.78 -13.85 -18.47
C LEU B 324 -7.88 -13.91 -19.97
N VAL B 325 -8.13 -12.78 -20.63
CA VAL B 325 -8.15 -12.74 -22.09
C VAL B 325 -6.95 -11.88 -22.49
N GLU B 326 -6.23 -12.31 -23.52
CA GLU B 326 -5.02 -11.65 -23.97
C GLU B 326 -5.28 -11.28 -25.41
N SER B 327 -4.83 -10.13 -25.91
CA SER B 327 -5.02 -9.83 -27.33
C SER B 327 -3.86 -10.43 -28.13
N VAL B 328 -4.01 -10.52 -29.45
CA VAL B 328 -2.95 -11.07 -30.31
C VAL B 328 -1.86 -10.05 -30.62
N ASP B 329 -2.08 -8.76 -30.38
CA ASP B 329 -0.98 -7.83 -30.61
C ASP B 329 -1.28 -6.47 -29.99
N LEU B 330 -0.35 -5.53 -30.14
CA LEU B 330 -0.59 -4.14 -29.74
C LEU B 330 -1.68 -3.50 -30.59
N GLY B 331 -2.65 -2.88 -29.92
CA GLY B 331 -3.68 -2.19 -30.70
C GLY B 331 -3.35 -0.76 -31.06
N VAL B 332 -4.15 -0.18 -31.94
CA VAL B 332 -3.97 1.22 -32.33
C VAL B 332 -5.35 1.87 -32.16
N VAL B 333 -5.38 2.98 -31.41
CA VAL B 333 -6.66 3.63 -31.12
C VAL B 333 -6.41 5.13 -31.30
N ALA B 334 -7.11 5.75 -32.24
CA ALA B 334 -6.73 7.15 -32.51
C ALA B 334 -7.94 7.97 -32.89
N PHE B 335 -7.85 9.24 -32.51
CA PHE B 335 -8.75 10.24 -33.10
C PHE B 335 -7.96 11.10 -34.08
N LEU B 336 -8.52 11.31 -35.26
CA LEU B 336 -8.05 12.38 -36.15
C LEU B 336 -8.74 13.69 -35.76
N VAL B 337 -8.03 14.81 -35.78
CA VAL B 337 -8.61 16.11 -35.39
C VAL B 337 -8.46 17.09 -36.53
N ARG B 338 -9.48 17.91 -36.77
CA ARG B 338 -9.42 19.00 -37.75
C ARG B 338 -10.07 20.21 -37.06
N LYS B 339 -9.46 21.39 -37.23
CA LYS B 339 -10.11 22.61 -36.77
C LYS B 339 -11.05 23.05 -37.89
N ILE B 340 -12.32 23.26 -37.54
CA ILE B 340 -13.31 23.61 -38.52
C ILE B 340 -13.80 25.00 -38.08
N ASP B 341 -13.58 26.00 -38.94
CA ASP B 341 -13.73 27.37 -38.48
C ASP B 341 -13.12 27.64 -37.12
N GLY B 342 -11.92 27.14 -36.90
CA GLY B 342 -11.33 27.47 -35.62
C GLY B 342 -11.63 26.49 -34.52
N VAL B 343 -12.62 25.61 -34.65
CA VAL B 343 -13.06 24.81 -33.51
C VAL B 343 -12.61 23.34 -33.75
N PRO B 344 -11.79 22.76 -32.89
CA PRO B 344 -11.28 21.39 -33.09
C PRO B 344 -12.44 20.39 -33.01
N HIS B 345 -12.48 19.46 -33.97
CA HIS B 345 -13.51 18.41 -33.95
C HIS B 345 -12.68 17.12 -34.09
N VAL B 346 -13.23 16.00 -33.64
CA VAL B 346 -12.56 14.71 -33.82
C VAL B 346 -13.48 13.87 -34.71
N LEU B 347 -12.92 12.90 -35.45
CA LEU B 347 -13.76 12.17 -36.41
C LEU B 347 -14.21 10.86 -35.78
N VAL B 348 -15.46 10.81 -35.31
CA VAL B 348 -15.92 9.61 -34.61
C VAL B 348 -16.47 8.63 -35.64
N GLN B 349 -16.47 7.36 -35.26
CA GLN B 349 -17.12 6.30 -36.03
C GLN B 349 -18.30 5.74 -35.23
N ALA B 350 -19.43 5.53 -35.88
CA ALA B 350 -20.53 4.90 -35.15
C ALA B 350 -20.31 3.40 -35.37
N ARG B 351 -19.65 2.76 -34.42
CA ARG B 351 -19.12 1.38 -34.56
C ARG B 351 -20.13 0.28 -34.21
N VAL B 352 -20.10 -0.84 -34.94
CA VAL B 352 -21.07 -1.91 -34.71
C VAL B 352 -20.29 -3.10 -34.18
N ASP B 353 -20.33 -3.35 -32.87
CA ASP B 353 -19.61 -4.43 -32.25
C ASP B 353 -20.61 -5.46 -31.71
N GLY B 354 -20.18 -6.72 -31.68
CA GLY B 354 -21.16 -7.76 -31.30
C GLY B 354 -21.64 -7.74 -29.86
N GLY B 355 -20.92 -7.12 -28.94
CA GLY B 355 -21.20 -7.07 -27.52
C GLY B 355 -22.00 -5.83 -27.16
N PHE B 356 -22.25 -4.95 -28.11
CA PHE B 356 -23.04 -3.76 -27.77
C PHE B 356 -24.54 -3.98 -27.50
N LEU B 357 -25.09 -3.28 -26.50
CA LEU B 357 -26.53 -3.44 -26.27
C LEU B 357 -27.44 -2.85 -27.33
N ASP B 358 -27.07 -1.69 -27.88
CA ASP B 358 -27.97 -0.90 -28.76
C ASP B 358 -27.34 -0.63 -30.12
N THR B 359 -26.79 -1.70 -30.72
CA THR B 359 -26.32 -1.70 -32.09
C THR B 359 -25.00 -0.98 -32.31
N VAL B 360 -24.98 0.33 -32.05
CA VAL B 360 -23.83 1.18 -32.29
C VAL B 360 -23.46 1.94 -31.01
N GLU B 361 -22.20 2.34 -30.94
CA GLU B 361 -21.70 3.32 -29.96
C GLU B 361 -20.70 4.17 -30.74
N LEU B 362 -20.54 5.43 -30.34
CA LEU B 362 -19.45 6.19 -30.96
C LEU B 362 -18.07 5.71 -30.48
N ALA B 363 -17.12 5.67 -31.41
CA ALA B 363 -15.80 5.13 -31.11
C ALA B 363 -14.77 6.04 -31.79
N PRO B 364 -13.50 5.84 -31.50
CA PRO B 364 -12.45 6.63 -32.16
C PRO B 364 -12.36 6.44 -33.66
N THR B 365 -11.64 7.38 -34.27
CA THR B 365 -11.54 7.35 -35.75
C THR B 365 -11.02 5.98 -36.20
N VAL B 366 -9.99 5.48 -35.52
CA VAL B 366 -9.41 4.15 -35.75
C VAL B 366 -9.44 3.43 -34.42
N GLN B 367 -9.95 2.19 -34.44
CA GLN B 367 -9.81 1.34 -33.27
C GLN B 367 -9.66 -0.09 -33.78
N CYS B 368 -8.43 -0.58 -33.66
CA CYS B 368 -8.29 -1.98 -34.12
C CYS B 368 -7.01 -2.57 -33.61
N THR B 369 -6.89 -3.90 -33.77
CA THR B 369 -5.59 -4.55 -33.56
C THR B 369 -5.15 -4.88 -35.01
N PRO B 370 -4.11 -4.24 -35.53
CA PRO B 370 -3.87 -4.36 -36.96
C PRO B 370 -3.65 -5.81 -37.42
N LEU B 371 -3.15 -6.70 -36.57
CA LEU B 371 -2.85 -8.07 -37.05
C LEU B 371 -4.18 -8.68 -37.52
N ASN B 372 -5.31 -8.22 -36.98
CA ASN B 372 -6.61 -8.75 -37.39
C ASN B 372 -7.03 -8.50 -38.83
N TYR B 373 -6.32 -7.60 -39.50
CA TYR B 373 -6.69 -7.19 -40.85
C TYR B 373 -5.55 -7.61 -41.80
N ALA B 374 -4.52 -8.26 -41.28
CA ALA B 374 -3.24 -8.33 -42.02
C ALA B 374 -3.34 -9.38 -43.12
N HIS B 375 -4.42 -10.14 -43.13
CA HIS B 375 -4.56 -11.21 -44.11
C HIS B 375 -5.52 -10.71 -45.18
N LEU B 376 -5.96 -9.46 -45.06
CA LEU B 376 -6.86 -8.86 -46.04
C LEU B 376 -6.05 -7.90 -46.91
N PRO B 377 -6.58 -7.53 -48.09
CA PRO B 377 -5.89 -6.53 -48.91
C PRO B 377 -5.91 -5.21 -48.15
N ALA B 378 -4.88 -4.38 -48.34
CA ALA B 378 -4.88 -2.99 -47.87
C ALA B 378 -6.18 -2.20 -48.03
N GLU B 379 -6.99 -2.48 -49.05
CA GLU B 379 -8.25 -1.80 -49.24
C GLU B 379 -9.38 -2.29 -48.35
N GLU B 380 -9.16 -3.37 -47.61
CA GLU B 380 -10.20 -3.77 -46.66
C GLU B 380 -9.75 -3.46 -45.24
N ALA B 381 -8.73 -2.61 -45.15
CA ALA B 381 -8.21 -2.26 -43.84
C ALA B 381 -9.23 -1.29 -43.23
N PRO B 382 -9.27 -1.14 -41.89
CA PRO B 382 -10.12 -0.07 -41.33
C PRO B 382 -9.79 1.29 -41.97
N PRO B 383 -10.82 2.08 -42.31
CA PRO B 383 -10.58 3.42 -42.84
C PRO B 383 -9.61 4.17 -41.92
N PHE B 384 -8.69 4.91 -42.51
CA PHE B 384 -7.72 5.76 -41.83
C PHE B 384 -6.64 4.99 -41.10
N LEU B 385 -6.64 3.66 -41.10
CA LEU B 385 -5.59 3.03 -40.33
C LEU B 385 -4.19 3.38 -40.87
N ASP B 386 -4.05 3.28 -42.19
CA ASP B 386 -2.73 3.61 -42.75
C ASP B 386 -2.27 5.04 -42.45
N LEU B 387 -3.23 5.94 -42.56
CA LEU B 387 -2.93 7.32 -42.21
C LEU B 387 -2.42 7.44 -40.79
N VAL B 388 -3.07 6.80 -39.83
CA VAL B 388 -2.63 6.88 -38.43
C VAL B 388 -1.28 6.22 -38.19
N GLN B 389 -1.04 5.07 -38.83
CA GLN B 389 0.18 4.33 -38.59
C GLN B 389 1.34 5.10 -39.18
N ASN B 390 1.06 5.88 -40.22
CA ASN B 390 2.18 6.56 -40.85
C ASN B 390 2.36 8.00 -40.39
N ALA B 391 1.52 8.44 -39.45
CA ALA B 391 1.58 9.85 -39.06
C ALA B 391 2.89 10.27 -38.42
N PRO B 392 3.42 11.46 -38.81
CA PRO B 392 4.64 11.95 -38.20
C PRO B 392 4.52 12.50 -36.79
N ARG B 393 5.60 12.42 -36.03
CA ARG B 393 5.60 13.06 -34.72
C ARG B 393 5.08 14.49 -34.74
N SER B 394 5.35 15.20 -35.83
CA SER B 394 4.97 16.60 -35.98
C SER B 394 3.45 16.81 -36.04
N ARG B 395 2.69 15.75 -36.31
CA ARG B 395 1.24 15.84 -36.32
C ARG B 395 0.58 15.08 -35.16
N ILE B 396 1.40 14.47 -34.33
CA ILE B 396 0.84 13.75 -33.16
C ILE B 396 0.72 14.66 -31.95
N ARG B 397 -0.51 14.99 -31.57
CA ARG B 397 -0.79 15.85 -30.43
C ARG B 397 -0.75 15.14 -29.10
N TYR B 398 -1.03 13.84 -29.08
CA TYR B 398 -0.99 13.05 -27.86
C TYR B 398 -0.64 11.60 -28.25
N GLU B 399 0.22 10.96 -27.48
CA GLU B 399 0.52 9.55 -27.69
C GLU B 399 0.86 8.94 -26.34
N ALA B 400 0.21 7.82 -26.01
CA ALA B 400 0.70 7.02 -24.89
C ALA B 400 0.24 5.60 -25.08
N ILE B 401 0.86 4.66 -24.35
CA ILE B 401 0.35 3.29 -24.38
C ILE B 401 -0.47 3.15 -23.09
N HIS B 402 -1.73 2.76 -23.25
CA HIS B 402 -2.57 2.41 -22.10
C HIS B 402 -3.02 0.94 -22.24
N SER B 403 -3.31 0.33 -21.10
CA SER B 403 -3.82 -1.04 -21.08
C SER B 403 -5.27 -1.12 -20.62
N GLU B 404 -5.90 -2.24 -20.95
CA GLU B 404 -7.32 -2.42 -20.60
C GLU B 404 -7.45 -3.10 -19.25
N GLU B 405 -8.64 -3.10 -18.65
CA GLU B 405 -8.78 -3.51 -17.25
C GLU B 405 -8.09 -4.84 -16.93
N GLY B 406 -7.23 -4.77 -15.92
CA GLY B 406 -6.32 -5.89 -15.65
C GLY B 406 -6.98 -6.98 -14.83
N GLY B 407 -8.22 -6.78 -14.39
CA GLY B 407 -8.96 -7.88 -13.76
C GLY B 407 -9.44 -8.91 -14.77
N ARG B 408 -9.50 -8.55 -16.05
CA ARG B 408 -10.08 -9.46 -17.04
C ARG B 408 -9.13 -9.66 -18.22
N PHE B 409 -8.20 -8.73 -18.40
CA PHE B 409 -7.36 -8.74 -19.60
C PHE B 409 -5.89 -8.81 -19.20
N LEU B 410 -5.16 -9.70 -19.90
CA LEU B 410 -3.74 -9.83 -19.61
C LEU B 410 -2.87 -9.03 -20.57
N GLY B 411 -2.35 -7.90 -20.08
CA GLY B 411 -1.43 -7.10 -20.86
C GLY B 411 -2.01 -6.65 -22.20
N VAL B 412 -3.28 -6.28 -22.26
CA VAL B 412 -3.88 -5.84 -23.49
C VAL B 412 -3.57 -4.35 -23.58
N ARG B 413 -2.72 -4.02 -24.56
CA ARG B 413 -2.16 -2.65 -24.61
C ARG B 413 -2.46 -2.05 -25.98
N ALA B 414 -2.53 -0.72 -26.06
CA ALA B 414 -2.73 -0.06 -27.36
C ALA B 414 -1.99 1.27 -27.33
N ARG B 415 -1.54 1.69 -28.51
CA ARG B 415 -1.01 3.03 -28.70
C ARG B 415 -2.27 3.86 -28.92
N TYR B 416 -2.46 4.81 -27.99
CA TYR B 416 -3.58 5.76 -28.01
C TYR B 416 -3.08 7.10 -28.54
N LEU B 417 -3.76 7.61 -29.57
CA LEU B 417 -3.22 8.73 -30.34
C LEU B 417 -4.28 9.79 -30.60
N VAL B 418 -3.86 11.05 -30.58
CA VAL B 418 -4.66 12.13 -31.16
C VAL B 418 -3.76 12.78 -32.22
N ILE B 419 -4.29 12.84 -33.43
CA ILE B 419 -3.43 13.28 -34.56
C ILE B 419 -4.14 14.38 -35.34
N ASP B 420 -3.39 15.43 -35.68
CA ASP B 420 -3.99 16.52 -36.44
C ASP B 420 -4.01 16.09 -37.89
N ALA B 421 -5.18 16.04 -38.52
CA ALA B 421 -5.23 15.59 -39.91
C ALA B 421 -4.69 16.73 -40.77
N ASP B 422 -3.73 16.43 -41.66
CA ASP B 422 -3.13 17.45 -42.51
C ASP B 422 -4.08 17.99 -43.58
N GLU B 423 -5.08 17.20 -43.96
CA GLU B 423 -6.03 17.63 -44.98
C GLU B 423 -7.45 17.56 -44.46
N ALA B 424 -8.36 18.39 -44.96
CA ALA B 424 -9.78 18.09 -44.86
C ALA B 424 -10.16 16.64 -45.21
N ILE B 425 -11.12 16.11 -44.44
CA ILE B 425 -11.60 14.77 -44.70
C ILE B 425 -13.13 14.78 -44.79
N ASP B 426 -13.61 14.29 -45.94
CA ASP B 426 -15.04 14.07 -46.11
C ASP B 426 -15.46 12.75 -45.44
N PRO B 427 -16.25 12.82 -44.35
CA PRO B 427 -16.34 11.55 -43.61
C PRO B 427 -16.99 10.48 -44.49
N PRO B 428 -16.41 9.28 -44.54
CA PRO B 428 -17.13 8.11 -45.09
C PRO B 428 -18.39 7.69 -44.31
N PRO B 429 -19.24 6.83 -44.88
CA PRO B 429 -20.43 6.42 -44.14
C PRO B 429 -20.02 5.81 -42.80
N GLY B 430 -20.76 6.21 -41.77
CA GLY B 430 -20.37 5.79 -40.45
C GLY B 430 -19.54 6.75 -39.62
N TYR B 431 -19.01 7.78 -40.29
CA TYR B 431 -18.15 8.69 -39.52
C TYR B 431 -18.73 10.11 -39.54
N ALA B 432 -18.32 10.90 -38.54
CA ALA B 432 -18.79 12.29 -38.50
C ALA B 432 -17.85 13.09 -37.60
N TRP B 433 -17.77 14.39 -37.92
CA TRP B 433 -16.96 15.31 -37.12
C TRP B 433 -17.78 15.81 -35.92
N VAL B 434 -17.26 15.56 -34.72
CA VAL B 434 -17.89 15.91 -33.44
C VAL B 434 -16.91 16.66 -32.54
N THR B 435 -17.40 17.64 -31.77
CA THR B 435 -16.44 18.25 -30.85
C THR B 435 -16.27 17.44 -29.55
N PRO B 436 -15.11 17.51 -28.91
CA PRO B 436 -14.92 16.86 -27.63
C PRO B 436 -16.01 17.27 -26.64
N ALA B 437 -16.37 18.57 -26.65
CA ALA B 437 -17.46 19.00 -25.79
C ALA B 437 -18.80 18.29 -26.02
N GLN B 438 -19.14 18.02 -27.29
CA GLN B 438 -20.34 17.22 -27.53
C GLN B 438 -20.23 15.79 -26.95
N LEU B 439 -19.03 15.19 -27.07
CA LEU B 439 -18.79 13.87 -26.47
C LEU B 439 -18.96 13.96 -24.96
N THR B 440 -18.44 14.99 -24.32
CA THR B 440 -18.55 15.16 -22.86
C THR B 440 -20.02 15.21 -22.51
N ALA B 441 -20.80 15.96 -23.30
CA ALA B 441 -22.24 16.09 -22.96
C ALA B 441 -23.00 14.75 -23.06
N LEU B 442 -22.60 13.94 -24.03
CA LEU B 442 -23.28 12.64 -24.24
C LEU B 442 -22.95 11.69 -23.11
N THR B 443 -21.84 11.88 -22.40
CA THR B 443 -21.42 11.00 -21.31
C THR B 443 -22.41 11.08 -20.14
N ARG B 444 -23.32 12.05 -20.11
CA ARG B 444 -24.34 12.01 -19.04
C ARG B 444 -25.27 10.82 -19.28
N HIS B 445 -25.19 10.16 -20.44
CA HIS B 445 -26.14 9.11 -20.83
C HIS B 445 -25.35 7.86 -21.24
N GLY B 446 -25.93 6.68 -21.08
CA GLY B 446 -25.24 5.47 -21.53
C GLY B 446 -25.39 5.20 -23.01
N HIS B 447 -24.46 4.40 -23.53
CA HIS B 447 -24.51 3.82 -24.88
C HIS B 447 -24.28 4.84 -25.99
N TYR B 448 -23.74 6.01 -25.66
CA TYR B 448 -23.28 6.89 -26.72
C TYR B 448 -21.78 6.81 -26.97
N VAL B 449 -20.95 6.72 -25.94
CA VAL B 449 -19.51 6.86 -26.19
C VAL B 449 -18.88 5.56 -25.67
N ASN B 450 -18.17 4.83 -26.54
CA ASN B 450 -17.56 3.57 -26.13
C ASN B 450 -16.30 3.74 -25.30
N VAL B 451 -15.84 2.64 -24.69
CA VAL B 451 -14.76 2.80 -23.73
C VAL B 451 -13.47 3.38 -24.33
N GLU B 452 -13.13 2.96 -25.55
CA GLU B 452 -11.89 3.45 -26.15
C GLU B 452 -12.02 4.96 -26.42
N ALA B 453 -13.20 5.40 -26.88
CA ALA B 453 -13.46 6.83 -27.08
C ALA B 453 -13.49 7.57 -25.73
N ARG B 454 -14.04 6.96 -24.69
CA ARG B 454 -13.97 7.62 -23.37
C ARG B 454 -12.52 7.79 -22.93
N THR B 455 -11.70 6.76 -23.15
CA THR B 455 -10.28 6.93 -22.92
C THR B 455 -9.68 8.11 -23.66
N LEU B 456 -9.94 8.21 -24.96
CA LEU B 456 -9.37 9.31 -25.73
C LEU B 456 -9.93 10.65 -25.26
N LEU B 457 -11.18 10.68 -24.82
CA LEU B 457 -11.75 11.96 -24.36
C LEU B 457 -11.03 12.35 -23.08
N ALA B 458 -10.71 11.43 -22.17
CA ALA B 458 -9.95 11.78 -20.98
C ALA B 458 -8.55 12.28 -21.38
N CYS B 459 -7.97 11.67 -22.41
CA CYS B 459 -6.63 12.13 -22.80
C CYS B 459 -6.70 13.53 -23.41
N ILE B 460 -7.74 13.77 -24.22
CA ILE B 460 -7.93 15.09 -24.83
C ILE B 460 -8.15 16.14 -23.73
N ASN B 461 -8.95 15.78 -22.73
CA ASN B 461 -9.15 16.75 -21.66
C ASN B 461 -7.86 16.95 -20.85
N ALA B 462 -7.06 15.90 -20.66
CA ALA B 462 -5.79 16.04 -19.95
C ALA B 462 -4.83 16.96 -20.70
N ALA B 463 -4.82 16.80 -22.01
CA ALA B 463 -3.88 17.57 -22.85
C ALA B 463 -4.28 19.04 -22.86
N ALA B 464 -5.59 19.26 -22.74
CA ALA B 464 -6.06 20.65 -22.64
C ALA B 464 -5.73 21.30 -21.30
N ALA B 465 -5.83 20.54 -20.22
CA ALA B 465 -5.63 21.08 -18.87
C ALA B 465 -4.15 21.30 -18.65
N GLN B 466 -3.30 20.36 -19.09
CA GLN B 466 -1.87 20.38 -18.72
C GLN B 466 -1.06 19.96 -19.96
N PRO B 467 -0.98 20.87 -20.94
CA PRO B 467 -0.30 20.48 -22.18
C PRO B 467 1.18 20.11 -21.95
N ARG B 468 1.69 19.11 -22.66
CA ARG B 468 3.08 18.71 -22.43
C ARG B 468 4.11 19.71 -22.97
O4P TRH C . -1.26 -9.40 20.74
P2 TRH C . -0.22 -9.72 19.69
O3P TRH C . -0.62 -9.69 18.24
O1 TRH C . 0.99 -8.66 19.84
C1 TRH C . 2.06 -8.64 18.93
C2 TRH C . 3.32 -9.08 19.67
O2 TRH C . 3.51 -8.34 20.88
C3 TRH C . 4.45 -8.79 18.70
O3 TRH C . 5.74 -9.12 19.26
C4 TRH C . 4.40 -7.31 18.28
O4 TRH C . 5.44 -7.08 17.33
C5 TRH C . 3.06 -6.94 17.62
O5 TRH C . 2.10 -7.23 18.62
C6 TRH C . 2.96 -5.44 17.34
OPP TRH C . 0.43 -11.18 19.87
P TRH C . 0.74 -12.04 21.21
O1P TRH C . 2.07 -12.70 20.92
O2P TRH C . 0.62 -11.19 22.45
O5' TRH C . -0.49 -13.08 21.27
C5' TRH C . -1.85 -12.66 21.28
C4' TRH C . -2.59 -13.60 22.22
O4' TRH C . -2.52 -14.94 21.73
C3' TRH C . -2.00 -13.61 23.63
O3' TRH C . -3.14 -13.60 24.49
C2' TRH C . -1.33 -14.97 23.77
C1' TRH C . -2.09 -15.85 22.77
N11 TRH C . -1.20 -16.86 22.17
C21 TRH C . -1.60 -18.14 22.01
O21 TRH C . -2.74 -18.53 22.37
N31 TRH C . -0.76 -19.04 21.47
C41 TRH C . 0.49 -18.74 21.06
O41 TRH C . 1.30 -19.58 20.60
C51 TRH C . 0.94 -17.44 21.19
C5A TRH C . 2.32 -17.01 20.70
C61 TRH C . 0.03 -16.53 21.71
N1 1JB D . 27.11 -15.20 14.54
N3 1JB D . 26.66 -17.49 14.36
C4 1JB D . 25.43 -17.32 14.91
C5 1JB D . 25.01 -16.03 15.29
C6 1JB D . 25.88 -14.98 15.08
O1B 1JB D . 26.23 -8.87 18.60
PB 1JB D . 25.33 -9.80 19.37
O2B 1JB D . 25.76 -10.23 20.73
O3B 1JB D . 23.85 -9.13 19.35
C1Q 1JB D . 22.76 -9.54 20.18
O5Q 1JB D . 22.92 -8.86 21.42
C5Q 1JB D . 22.80 -7.43 21.37
C6Q 1JB D . 23.25 -6.79 22.68
C4Q 1JB D . 21.59 -6.85 20.71
O4Q 1JB D . 20.50 -7.20 21.57
C3Q 1JB D . 21.43 -7.51 19.34
O3Q 1JB D . 20.19 -7.13 18.79
C2Q 1JB D . 21.48 -9.03 19.52
O2Q 1JB D . 21.30 -9.67 18.25
O3A 1JB D . 25.19 -11.22 18.60
PA 1JB D . 24.64 -11.31 17.10
O1A 1JB D . 23.49 -12.21 16.88
O2A 1JB D . 24.38 -9.87 16.71
O5X 1JB D . 26.02 -11.78 16.40
C5X 1JB D . 27.38 -11.66 16.83
C4X 1JB D . 28.19 -12.05 15.59
O4X 1JB D . 28.39 -13.46 15.62
C3X 1JB D . 27.45 -11.80 14.29
O3X 1JB D . 28.32 -11.05 13.42
C2X 1JB D . 27.34 -13.09 13.50
C1X 1JB D . 28.07 -14.10 14.37
C2 1JB D . 27.49 -16.44 14.21
O2 1JB D . 28.64 -16.62 13.75
C5M 1JB D . 23.63 -15.77 15.85
O4 1JB D . 24.73 -18.34 15.04
O4P TRH E . -11.49 -4.45 -35.27
P2 TRH E . -10.72 -5.00 -34.12
O3P TRH E . -9.25 -5.31 -34.32
O1 TRH E . -10.85 -4.07 -32.82
C1 TRH E . -10.12 -4.28 -31.64
C2 TRH E . -11.07 -4.63 -30.50
O2 TRH E . -12.15 -3.69 -30.44
C3 TRH E . -10.24 -4.70 -29.22
O3 TRH E . -11.10 -4.82 -28.06
C4 TRH E . -9.55 -3.32 -29.04
O4 TRH E . -8.64 -3.32 -27.93
C5 TRH E . -8.69 -3.06 -30.28
O5 TRH E . -9.51 -2.98 -31.44
C6 TRH E . -8.03 -1.70 -30.21
OPP TRH E . -11.31 -6.42 -33.57
P TRH E . -12.77 -7.07 -33.53
O1P TRH E . -12.79 -7.88 -32.28
O2P TRH E . -13.75 -5.93 -33.66
O5' TRH E . -12.88 -7.95 -34.86
C5' TRH E . -12.67 -7.44 -36.16
C4' TRH E . -13.62 -8.14 -37.12
O4' TRH E . -13.37 -9.56 -37.10
C3' TRH E . -15.05 -7.88 -36.67
O3' TRH E . -15.71 -7.53 -37.89
C2' TRH E . -15.50 -9.24 -36.13
C1' TRH E . -14.62 -10.22 -36.91
N11 TRH E . -14.36 -11.34 -36.00
C21 TRH E . -14.40 -12.59 -36.52
O21 TRH E . -14.64 -12.84 -37.71
N31 TRH E . -14.19 -13.65 -35.72
C41 TRH E . -13.90 -13.58 -34.41
O41 TRH E . -13.70 -14.58 -33.69
C51 TRH E . -13.79 -12.29 -33.84
C5A TRH E . -13.45 -12.10 -32.39
C61 TRH E . -14.02 -11.23 -34.70
N1 1JB F . -10.82 -13.25 -6.99
N3 1JB F . -11.00 -15.46 -7.61
C4 1JB F . -11.25 -15.12 -8.89
C5 1JB F . -11.32 -13.78 -9.26
C6 1JB F . -11.05 -12.86 -8.26
O1B 1JB F . -13.43 -6.09 -7.76
PB 1JB F . -14.10 -6.84 -8.86
O2B 1JB F . -15.54 -7.17 -8.74
O3B 1JB F . -13.78 -5.96 -10.21
C1Q 1JB F . -14.49 -6.26 -11.40
O5Q 1JB F . -15.56 -5.29 -11.37
C5Q 1JB F . -15.29 -3.90 -11.46
C6Q 1JB F . -16.52 -3.05 -11.15
C4Q 1JB F . -14.28 -3.42 -12.49
O4Q 1JB F . -15.11 -3.61 -13.63
C3Q 1JB F . -13.18 -4.47 -12.50
O3Q 1JB F . -12.23 -4.01 -13.46
C2Q 1JB F . -13.61 -5.92 -12.61
O2Q 1JB F . -12.39 -6.69 -12.59
O3A 1JB F . -13.62 -8.37 -9.09
PA 1JB F . -12.10 -8.78 -9.30
O1A 1JB F . -11.87 -9.61 -10.54
O2A 1JB F . -11.32 -7.49 -9.35
O5X 1JB F . -11.71 -9.47 -7.89
C5X 1JB F . -12.31 -9.40 -6.59
C4X 1JB F . -11.32 -10.13 -5.69
O4X 1JB F . -11.71 -11.51 -5.74
C3X 1JB F . -9.95 -10.08 -6.35
O3X 1JB F . -9.09 -9.30 -5.53
C2X 1JB F . -9.35 -11.47 -6.29
C1X 1JB F . -10.55 -12.32 -5.91
C2 1JB F . -10.74 -14.54 -6.65
O2 1JB F . -10.50 -14.85 -5.45
C5M 1JB F . -11.62 -13.36 -10.67
O4 1JB F . -11.47 -16.01 -9.74
#